data_8SQ8
#
_entry.id   8SQ8
#
_cell.length_a   70.249
_cell.length_b   70.249
_cell.length_c   449.106
_cell.angle_alpha   90.000
_cell.angle_beta   90.000
_cell.angle_gamma   120.000
#
_symmetry.space_group_name_H-M   'P 31 1 2'
#
loop_
_entity.id
_entity.type
_entity.pdbx_description
1 polymer 'Beta-lactamase OXA-109'
2 non-polymer '(4R,5S)-5-[(2S,3R)-3-hydroxy-1-oxobutan-2-yl]-4-methyl-3-({(3S,5S)-5-[(sulfamoylamino)methyl]pyrrolidin-3-yl}sulfanyl)-4,5-dihydro-1H-pyrrole-2-carboxylic acid'
3 non-polymer 'BICARBONATE ION'
4 water water
#
_entity_poly.entity_id   1
_entity_poly.type   'polypeptide(L)'
_entity_poly.pdbx_seq_one_letter_code
;MNPNHSASKSDVKAEKIKNLFNEAHTTGVLVIQQGQTQQSYGNDLARASTEYVPASTF(KCX)MLNALIGLEHHKATTTE
VFKWDGKKRLFPEWEKDMTLGDAMKASAIQVYQDLARRIGLELMSKEVKRVGYGNADIGTQVDNFWLVGPLKITPQQEAQ
FAYKLANKTLPFSQKVQDEVQSMLFIEEKNGNKIYAKSGWGWDVNPQVGWLTGWVVQPQGNIVAFSLNLEMKKGIPSSVR
KEITYKSLEQLGIL
;
_entity_poly.pdbx_strand_id   A,B,C,D
#
loop_
_chem_comp.id
_chem_comp.type
_chem_comp.name
_chem_comp.formula
4J6 non-polymer '(4R,5S)-5-[(2S,3R)-3-hydroxy-1-oxobutan-2-yl]-4-methyl-3-({(3S,5S)-5-[(sulfamoylamino)methyl]pyrrolidin-3-yl}sulfanyl)-4,5-dihydro-1H-pyrrole-2-carboxylic acid' 'C15 H26 N4 O6 S2'
BCT non-polymer 'BICARBONATE ION' 'C H O3 -1'
#
# COMPACT_ATOMS: atom_id res chain seq x y z
N SER A 10 -29.08 32.68 -12.96
CA SER A 10 -27.98 33.42 -12.32
C SER A 10 -28.19 33.50 -10.81
N ASP A 11 -28.28 34.73 -10.30
CA ASP A 11 -28.57 34.94 -8.89
C ASP A 11 -29.98 34.50 -8.51
N VAL A 12 -30.84 34.23 -9.49
CA VAL A 12 -32.18 33.73 -9.19
C VAL A 12 -32.14 32.23 -8.89
N LYS A 13 -31.22 31.49 -9.50
CA LYS A 13 -31.11 30.07 -9.21
C LYS A 13 -30.67 29.84 -7.77
N ALA A 14 -29.83 30.72 -7.24
CA ALA A 14 -29.39 30.58 -5.86
C ALA A 14 -30.37 31.13 -4.84
N GLU A 15 -31.43 31.82 -5.29
CA GLU A 15 -32.44 32.31 -4.36
C GLU A 15 -33.39 31.21 -3.95
N LYS A 16 -33.71 30.28 -4.87
CA LYS A 16 -34.56 29.16 -4.51
C LYS A 16 -33.84 28.19 -3.57
N ILE A 17 -32.53 28.04 -3.75
CA ILE A 17 -31.75 27.16 -2.88
C ILE A 17 -31.77 27.67 -1.45
N LYS A 18 -31.62 28.98 -1.27
CA LYS A 18 -31.73 29.55 0.07
C LYS A 18 -33.09 29.27 0.68
N ASN A 19 -34.14 29.30 -0.14
CA ASN A 19 -35.48 28.97 0.34
C ASN A 19 -35.62 27.49 0.65
N LEU A 20 -34.92 26.63 -0.10
CA LEU A 20 -34.99 25.19 0.15
C LEU A 20 -34.53 24.86 1.56
N PHE A 21 -33.39 25.41 1.98
CA PHE A 21 -32.95 25.23 3.35
C PHE A 21 -33.87 25.94 4.33
N ASN A 22 -34.44 27.08 3.92
CA ASN A 22 -35.35 27.82 4.78
C ASN A 22 -36.64 27.05 5.01
N GLU A 23 -37.24 26.54 3.92
CA GLU A 23 -38.50 25.80 4.06
C GLU A 23 -38.32 24.50 4.84
N ALA A 24 -37.08 24.05 5.02
CA ALA A 24 -36.78 22.91 5.88
C ALA A 24 -36.57 23.31 7.33
N HIS A 25 -36.64 24.60 7.65
CA HIS A 25 -36.51 25.10 9.01
C HIS A 25 -35.12 24.77 9.58
N THR A 26 -34.08 24.98 8.77
CA THR A 26 -32.72 24.72 9.21
C THR A 26 -31.76 25.58 8.41
N THR A 27 -30.51 25.61 8.85
CA THR A 27 -29.44 26.33 8.18
C THR A 27 -28.48 25.32 7.56
N GLY A 28 -28.18 25.51 6.27
CA GLY A 28 -27.33 24.57 5.57
C GLY A 28 -26.65 25.21 4.39
N VAL A 29 -25.74 24.45 3.77
CA VAL A 29 -25.00 24.90 2.61
C VAL A 29 -24.85 23.74 1.65
N LEU A 30 -24.69 24.06 0.37
CA LEU A 30 -24.45 23.07 -0.68
C LEU A 30 -23.27 23.52 -1.52
N VAL A 31 -22.21 22.73 -1.52
CA VAL A 31 -21.00 23.04 -2.27
C VAL A 31 -21.00 22.23 -3.56
N ILE A 32 -20.76 22.90 -4.69
CA ILE A 32 -20.71 22.27 -6.00
C ILE A 32 -19.34 22.55 -6.60
N GLN A 33 -18.69 21.51 -7.12
CA GLN A 33 -17.40 21.65 -7.78
C GLN A 33 -17.49 21.13 -9.21
N GLN A 34 -17.14 21.98 -10.16
CA GLN A 34 -16.98 21.59 -11.56
C GLN A 34 -15.57 21.98 -11.99
N GLY A 35 -14.82 21.00 -12.47
CA GLY A 35 -13.41 21.25 -12.75
C GLY A 35 -12.67 21.52 -11.46
N GLN A 36 -12.01 22.67 -11.38
CA GLN A 36 -11.30 23.09 -10.18
C GLN A 36 -11.94 24.30 -9.51
N THR A 37 -13.19 24.60 -9.84
CA THR A 37 -13.90 25.73 -9.26
C THR A 37 -15.06 25.23 -8.42
N GLN A 38 -15.29 25.91 -7.29
CA GLN A 38 -16.34 25.53 -6.35
C GLN A 38 -17.34 26.68 -6.21
N GLN A 39 -18.60 26.30 -6.03
CA GLN A 39 -19.69 27.25 -5.79
C GLN A 39 -20.53 26.78 -4.63
N SER A 40 -20.95 27.71 -3.78
CA SER A 40 -21.71 27.42 -2.58
C SER A 40 -23.12 27.98 -2.69
N TYR A 41 -24.08 27.25 -2.16
CA TYR A 41 -25.48 27.66 -2.15
C TYR A 41 -26.13 27.25 -0.83
N GLY A 42 -27.19 27.97 -0.47
CA GLY A 42 -27.94 27.72 0.74
C GLY A 42 -28.24 28.99 1.48
N ASN A 43 -28.63 28.86 2.74
CA ASN A 43 -28.93 30.02 3.58
C ASN A 43 -27.78 30.40 4.51
N ASP A 44 -26.95 29.44 4.91
CA ASP A 44 -25.77 29.69 5.74
C ASP A 44 -24.54 29.34 4.91
N LEU A 45 -24.11 30.28 4.07
CA LEU A 45 -22.96 30.05 3.21
C LEU A 45 -21.66 29.93 3.99
N ALA A 46 -21.62 30.46 5.22
CA ALA A 46 -20.42 30.33 6.05
C ALA A 46 -20.13 28.87 6.40
N ARG A 47 -21.14 28.00 6.33
CA ARG A 47 -20.93 26.59 6.60
C ARG A 47 -19.97 25.93 5.62
N ALA A 48 -19.84 26.50 4.41
CA ALA A 48 -18.98 25.89 3.39
C ALA A 48 -17.54 25.79 3.84
N SER A 49 -17.08 26.74 4.67
CA SER A 49 -15.69 26.75 5.14
C SER A 49 -15.58 26.40 6.62
N THR A 50 -16.59 25.74 7.18
CA THR A 50 -16.61 25.36 8.58
C THR A 50 -16.39 23.86 8.71
N GLU A 51 -15.63 23.46 9.74
CA GLU A 51 -15.30 22.07 9.95
C GLU A 51 -16.37 21.38 10.78
N TYR A 52 -16.77 20.18 10.36
CA TYR A 52 -17.69 19.35 11.09
C TYR A 52 -17.17 17.91 11.09
N VAL A 53 -17.67 17.12 12.04
CA VAL A 53 -17.28 15.71 12.05
C VAL A 53 -17.76 15.04 10.76
N PRO A 54 -16.96 14.18 10.13
CA PRO A 54 -17.39 13.59 8.86
C PRO A 54 -18.54 12.62 9.01
N ALA A 55 -18.68 12.00 10.18
CA ALA A 55 -19.75 11.02 10.46
C ALA A 55 -19.61 9.88 9.44
N SER A 56 -20.70 9.40 8.87
CA SER A 56 -20.66 8.25 7.95
C SER A 56 -20.02 8.57 6.62
N THR A 57 -19.84 9.85 6.29
CA THR A 57 -19.12 10.18 5.05
C THR A 57 -17.68 9.73 5.09
N PHE A 58 -17.13 9.49 6.28
CA PHE A 58 -15.76 9.02 6.39
C PHE A 58 -15.63 7.59 5.84
N KCX A 59 -16.76 6.90 5.73
CA KCX A 59 -16.77 5.53 5.21
CB KCX A 59 -18.20 4.97 5.17
CG KCX A 59 -18.70 4.50 6.51
CD KCX A 59 -20.06 3.84 6.40
CE KCX A 59 -20.57 3.36 7.75
NZ KCX A 59 -20.78 4.50 8.68
C KCX A 59 -16.16 5.46 3.80
O KCX A 59 -15.61 4.42 3.42
CX KCX A 59 -19.85 4.81 9.59
OQ1 KCX A 59 -20.04 5.76 10.35
OQ2 KCX A 59 -18.81 4.14 9.67
N MET A 60 -16.26 6.55 3.06
CA MET A 60 -15.66 6.62 1.73
C MET A 60 -14.15 6.38 1.83
N LEU A 61 -13.50 7.16 2.70
CA LEU A 61 -12.07 6.97 2.93
C LEU A 61 -11.79 5.71 3.74
N ASN A 62 -12.70 5.36 4.67
CA ASN A 62 -12.52 4.15 5.45
C ASN A 62 -12.42 2.93 4.55
N ALA A 63 -13.26 2.86 3.52
CA ALA A 63 -13.21 1.71 2.62
C ALA A 63 -11.97 1.74 1.73
N LEU A 64 -11.53 2.94 1.32
CA LEU A 64 -10.35 3.05 0.47
C LEU A 64 -9.11 2.52 1.19
N ILE A 65 -8.94 2.88 2.46
CA ILE A 65 -7.77 2.44 3.21
C ILE A 65 -7.81 0.93 3.42
N GLY A 66 -8.97 0.40 3.79
CA GLY A 66 -9.07 -1.01 4.07
C GLY A 66 -8.80 -1.88 2.85
N LEU A 67 -9.29 -1.46 1.68
CA LEU A 67 -9.07 -2.25 0.47
C LEU A 67 -7.64 -2.11 -0.03
N GLU A 68 -7.09 -0.90 0.03
CA GLU A 68 -5.74 -0.67 -0.48
C GLU A 68 -4.71 -1.48 0.30
N HIS A 69 -4.92 -1.63 1.61
CA HIS A 69 -3.97 -2.32 2.48
C HIS A 69 -4.41 -3.75 2.79
N HIS A 70 -5.31 -4.31 1.99
CA HIS A 70 -5.73 -5.71 2.09
C HIS A 70 -6.32 -6.03 3.46
N LYS A 71 -6.93 -5.03 4.12
CA LYS A 71 -7.60 -5.28 5.39
C LYS A 71 -8.93 -5.99 5.20
N ALA A 72 -9.52 -5.91 4.01
CA ALA A 72 -10.78 -6.57 3.72
C ALA A 72 -10.92 -6.70 2.21
N THR A 73 -11.92 -7.48 1.80
CA THR A 73 -12.24 -7.69 0.39
C THR A 73 -13.67 -7.27 0.12
N THR A 74 -14.00 -7.17 -1.18
CA THR A 74 -15.34 -6.77 -1.58
C THR A 74 -16.37 -7.87 -1.42
N THR A 75 -15.94 -9.13 -1.44
CA THR A 75 -16.84 -10.27 -1.28
C THR A 75 -16.91 -10.78 0.16
N GLU A 76 -16.06 -10.27 1.04
CA GLU A 76 -16.10 -10.67 2.44
C GLU A 76 -17.45 -10.33 3.06
N VAL A 77 -18.00 -11.26 3.83
CA VAL A 77 -19.30 -11.12 4.46
C VAL A 77 -19.09 -10.91 5.95
N PHE A 78 -19.61 -9.81 6.48
CA PHE A 78 -19.53 -9.49 7.90
C PHE A 78 -20.83 -9.95 8.56
N LYS A 79 -20.78 -11.09 9.23
CA LYS A 79 -21.98 -11.69 9.79
C LYS A 79 -22.51 -10.85 10.94
N TRP A 80 -23.84 -10.71 10.99
CA TRP A 80 -24.48 -10.00 12.09
C TRP A 80 -24.44 -10.86 13.36
N ASP A 81 -24.07 -10.25 14.48
CA ASP A 81 -23.96 -11.00 15.73
C ASP A 81 -25.32 -11.37 16.31
N GLY A 82 -26.40 -10.74 15.85
CA GLY A 82 -27.71 -10.99 16.36
C GLY A 82 -28.20 -9.99 17.40
N LYS A 83 -27.33 -9.09 17.86
CA LYS A 83 -27.72 -8.10 18.84
C LYS A 83 -28.47 -6.95 18.17
N LYS A 84 -29.48 -6.43 18.87
CA LYS A 84 -30.33 -5.39 18.29
C LYS A 84 -29.50 -4.16 17.91
N ARG A 85 -29.86 -3.56 16.78
CA ARG A 85 -29.17 -2.40 16.25
C ARG A 85 -30.11 -1.21 16.16
N LEU A 86 -29.52 -0.02 16.01
CA LEU A 86 -30.30 1.21 15.98
C LEU A 86 -31.24 1.25 14.79
N PHE A 87 -30.91 0.55 13.70
CA PHE A 87 -31.75 0.52 12.52
C PHE A 87 -31.93 -0.90 12.05
N PRO A 88 -33.12 -1.26 11.54
CA PRO A 88 -33.33 -2.64 11.09
C PRO A 88 -32.47 -3.02 9.90
N GLU A 89 -32.09 -2.05 9.06
CA GLU A 89 -31.20 -2.33 7.94
C GLU A 89 -29.80 -2.73 8.39
N TRP A 90 -29.45 -2.49 9.65
CA TRP A 90 -28.15 -2.88 10.20
C TRP A 90 -28.14 -4.31 10.72
N GLU A 91 -29.30 -4.96 10.81
CA GLU A 91 -29.41 -6.29 11.39
C GLU A 91 -29.34 -7.37 10.31
N LYS A 92 -28.19 -7.45 9.65
CA LYS A 92 -27.99 -8.45 8.61
C LYS A 92 -26.51 -8.61 8.33
N ASP A 93 -26.15 -9.77 7.80
CA ASP A 93 -24.80 -9.98 7.30
C ASP A 93 -24.61 -9.19 6.01
N MET A 94 -23.48 -8.49 5.93
CA MET A 94 -23.24 -7.56 4.84
C MET A 94 -21.79 -7.55 4.41
N THR A 95 -21.57 -7.43 3.11
CA THR A 95 -20.25 -7.11 2.60
C THR A 95 -19.95 -5.64 2.86
N LEU A 96 -18.69 -5.27 2.64
CA LEU A 96 -18.29 -3.87 2.80
C LEU A 96 -19.16 -2.95 1.95
N GLY A 97 -19.55 -3.42 0.76
CA GLY A 97 -20.42 -2.63 -0.08
C GLY A 97 -21.84 -2.52 0.46
N ASP A 98 -22.38 -3.65 0.96
CA ASP A 98 -23.71 -3.60 1.56
C ASP A 98 -23.74 -2.71 2.78
N ALA A 99 -22.68 -2.76 3.60
CA ALA A 99 -22.62 -1.92 4.79
C ALA A 99 -22.51 -0.44 4.43
N MET A 100 -21.95 -0.13 3.27
CA MET A 100 -21.79 1.27 2.87
C MET A 100 -23.13 1.94 2.60
N LYS A 101 -23.99 1.28 1.81
CA LYS A 101 -25.29 1.86 1.51
C LYS A 101 -26.16 1.97 2.75
N ALA A 102 -26.16 0.93 3.59
CA ALA A 102 -26.93 0.94 4.83
C ALA A 102 -26.26 1.76 5.93
N SER A 103 -25.02 2.20 5.71
CA SER A 103 -24.28 3.00 6.69
C SER A 103 -24.12 2.24 8.01
N ALA A 104 -23.72 0.99 7.92
CA ALA A 104 -23.56 0.13 9.11
C ALA A 104 -22.28 0.53 9.82
N ILE A 105 -22.42 1.26 10.93
CA ILE A 105 -21.27 1.71 11.69
C ILE A 105 -20.46 0.53 12.21
N GLN A 106 -21.15 -0.55 12.61
CA GLN A 106 -20.46 -1.68 13.23
C GLN A 106 -19.46 -2.31 12.27
N VAL A 107 -19.84 -2.46 11.00
CA VAL A 107 -18.96 -3.13 10.05
C VAL A 107 -17.71 -2.30 9.80
N TYR A 108 -17.86 -0.97 9.69
CA TYR A 108 -16.70 -0.12 9.44
C TYR A 108 -15.93 0.18 10.72
N GLN A 109 -16.55 0.01 11.90
CA GLN A 109 -15.77 0.01 13.12
C GLN A 109 -14.88 -1.23 13.20
N ASP A 110 -15.39 -2.38 12.75
CA ASP A 110 -14.57 -3.58 12.65
C ASP A 110 -13.40 -3.36 11.69
N LEU A 111 -13.69 -2.78 10.52
CA LEU A 111 -12.63 -2.51 9.56
C LEU A 111 -11.61 -1.53 10.12
N ALA A 112 -12.09 -0.49 10.82
CA ALA A 112 -11.16 0.47 11.42
C ALA A 112 -10.28 -0.19 12.46
N ARG A 113 -10.81 -1.19 13.17
CA ARG A 113 -9.98 -1.92 14.13
C ARG A 113 -8.99 -2.83 13.44
N ARG A 114 -9.35 -3.37 12.27
CA ARG A 114 -8.38 -4.13 11.48
C ARG A 114 -7.26 -3.23 10.98
N ILE A 115 -7.59 -2.03 10.53
CA ILE A 115 -6.58 -1.10 10.04
C ILE A 115 -5.67 -0.66 11.18
N GLY A 116 -6.25 -0.30 12.31
CA GLY A 116 -5.45 0.11 13.45
C GLY A 116 -5.14 1.59 13.43
N LEU A 117 -4.93 2.14 14.63
CA LEU A 117 -4.69 3.58 14.76
C LEU A 117 -3.44 4.00 14.00
N GLU A 118 -2.42 3.14 13.97
CA GLU A 118 -1.17 3.48 13.30
C GLU A 118 -1.40 3.72 11.80
N LEU A 119 -1.99 2.74 11.12
CA LEU A 119 -2.24 2.89 9.69
C LEU A 119 -3.33 3.90 9.40
N MET A 120 -4.38 3.92 10.23
CA MET A 120 -5.50 4.83 10.01
C MET A 120 -5.05 6.28 10.05
N SER A 121 -4.26 6.65 11.07
CA SER A 121 -3.81 8.03 11.19
C SER A 121 -2.85 8.40 10.06
N LYS A 122 -1.99 7.47 9.66
CA LYS A 122 -1.02 7.75 8.60
C LYS A 122 -1.73 7.96 7.26
N GLU A 123 -2.69 7.09 6.94
CA GLU A 123 -3.38 7.19 5.66
C GLU A 123 -4.25 8.44 5.60
N VAL A 124 -4.89 8.81 6.70
CA VAL A 124 -5.73 10.00 6.73
C VAL A 124 -4.87 11.24 6.49
N LYS A 125 -3.68 11.29 7.10
CA LYS A 125 -2.77 12.42 6.87
C LYS A 125 -2.23 12.40 5.45
N ARG A 126 -1.91 11.22 4.93
CA ARG A 126 -1.36 11.12 3.59
C ARG A 126 -2.33 11.65 2.55
N VAL A 127 -3.63 11.38 2.73
CA VAL A 127 -4.63 11.86 1.80
C VAL A 127 -4.96 13.33 2.07
N GLY A 128 -4.80 13.79 3.31
CA GLY A 128 -5.16 15.15 3.65
C GLY A 128 -6.64 15.34 3.91
N TYR A 129 -7.26 14.39 4.61
CA TYR A 129 -8.70 14.42 4.86
C TYR A 129 -8.99 15.34 6.04
N GLY A 130 -9.65 16.46 5.77
CA GLY A 130 -10.05 17.37 6.83
C GLY A 130 -8.85 17.90 7.60
N ASN A 131 -8.98 17.96 8.91
CA ASN A 131 -7.87 18.34 9.78
C ASN A 131 -6.90 17.19 10.02
N ALA A 132 -7.20 15.99 9.52
CA ALA A 132 -6.31 14.84 9.57
C ALA A 132 -5.94 14.46 11.01
N ASP A 133 -6.83 14.73 11.96
CA ASP A 133 -6.60 14.41 13.37
C ASP A 133 -7.62 13.37 13.80
N ILE A 134 -7.18 12.12 13.96
CA ILE A 134 -8.08 11.03 14.31
C ILE A 134 -7.96 10.62 15.77
N GLY A 135 -7.18 11.35 16.57
CA GLY A 135 -7.10 11.05 17.98
C GLY A 135 -6.46 9.69 18.26
N THR A 136 -6.96 9.03 19.31
CA THR A 136 -6.43 7.75 19.74
C THR A 136 -7.42 6.59 19.65
N GLN A 137 -8.71 6.87 19.51
CA GLN A 137 -9.71 5.82 19.38
C GLN A 137 -10.06 5.64 17.91
N VAL A 138 -9.73 4.47 17.36
CA VAL A 138 -9.89 4.22 15.93
C VAL A 138 -11.33 3.90 15.54
N ASP A 139 -12.25 3.76 16.51
CA ASP A 139 -13.61 3.33 16.20
C ASP A 139 -14.66 4.42 16.42
N ASN A 140 -14.25 5.66 16.72
CA ASN A 140 -15.23 6.72 16.91
C ASN A 140 -14.74 8.11 16.52
N PHE A 141 -13.56 8.25 15.91
CA PHE A 141 -13.02 9.59 15.65
C PHE A 141 -13.81 10.34 14.59
N TRP A 142 -14.59 9.65 13.77
CA TRP A 142 -15.37 10.32 12.74
C TRP A 142 -16.74 10.75 13.24
N LEU A 143 -17.21 10.21 14.36
CA LEU A 143 -18.52 10.57 14.88
C LEU A 143 -18.42 11.70 15.90
N VAL A 144 -17.50 11.58 16.86
CA VAL A 144 -17.29 12.63 17.86
C VAL A 144 -15.83 13.06 17.96
N GLY A 145 -14.89 12.28 17.47
CA GLY A 145 -13.48 12.53 17.70
C GLY A 145 -12.99 13.83 17.09
N PRO A 146 -11.68 14.05 17.18
CA PRO A 146 -11.11 15.32 16.69
C PRO A 146 -11.21 15.49 15.18
N LEU A 147 -11.51 14.42 14.44
CA LEU A 147 -11.56 14.51 12.99
C LEU A 147 -12.71 15.41 12.56
N LYS A 148 -12.39 16.51 11.89
CA LYS A 148 -13.37 17.44 11.37
C LYS A 148 -13.00 17.82 9.95
N ILE A 149 -14.01 18.15 9.15
CA ILE A 149 -13.82 18.46 7.74
C ILE A 149 -14.88 19.47 7.31
N THR A 150 -14.50 20.36 6.41
CA THR A 150 -15.43 21.33 5.87
C THR A 150 -16.14 20.76 4.66
N PRO A 151 -17.34 21.26 4.35
CA PRO A 151 -18.03 20.79 3.14
C PRO A 151 -17.25 21.03 1.87
N GLN A 152 -16.42 22.08 1.81
CA GLN A 152 -15.56 22.30 0.65
C GLN A 152 -14.58 21.14 0.47
N GLN A 153 -13.94 20.71 1.56
CA GLN A 153 -13.01 19.59 1.48
C GLN A 153 -13.74 18.29 1.16
N GLU A 154 -15.01 18.17 1.55
CA GLU A 154 -15.77 16.97 1.23
C GLU A 154 -16.08 16.90 -0.26
N ALA A 155 -16.45 18.03 -0.86
CA ALA A 155 -16.72 18.05 -2.30
C ALA A 155 -15.43 17.85 -3.09
N GLN A 156 -14.32 18.45 -2.64
CA GLN A 156 -13.05 18.24 -3.30
C GLN A 156 -12.63 16.78 -3.25
N PHE A 157 -12.86 16.12 -2.11
CA PHE A 157 -12.55 14.70 -1.99
C PHE A 157 -13.41 13.87 -2.94
N ALA A 158 -14.70 14.19 -3.05
CA ALA A 158 -15.58 13.42 -3.92
C ALA A 158 -15.20 13.60 -5.38
N TYR A 159 -14.82 14.82 -5.78
CA TYR A 159 -14.42 15.06 -7.16
C TYR A 159 -13.18 14.25 -7.52
N LYS A 160 -12.22 14.15 -6.59
CA LYS A 160 -11.01 13.40 -6.87
C LYS A 160 -11.28 11.91 -6.94
N LEU A 161 -12.13 11.39 -6.04
CA LEU A 161 -12.50 9.98 -6.08
C LEU A 161 -13.28 9.67 -7.36
N ALA A 162 -14.11 10.61 -7.80
CA ALA A 162 -14.90 10.39 -9.01
C ALA A 162 -13.99 10.22 -10.23
N ASN A 163 -12.95 11.03 -10.32
CA ASN A 163 -11.97 10.92 -11.41
C ASN A 163 -10.85 9.94 -11.10
N LYS A 164 -10.92 9.25 -9.96
CA LYS A 164 -9.91 8.25 -9.58
C LYS A 164 -8.52 8.88 -9.48
N THR A 165 -8.46 10.10 -8.96
CA THR A 165 -7.19 10.80 -8.76
C THR A 165 -6.77 10.85 -7.30
N LEU A 166 -7.43 10.09 -6.43
CA LEU A 166 -6.99 9.97 -5.06
C LEU A 166 -5.71 9.14 -4.99
N PRO A 167 -4.87 9.34 -3.94
CA PRO A 167 -3.61 8.61 -3.79
C PRO A 167 -3.80 7.14 -3.39
N PHE A 168 -4.69 6.46 -4.09
CA PHE A 168 -4.93 5.03 -3.92
C PHE A 168 -4.88 4.36 -5.28
N SER A 169 -4.75 3.03 -5.25
CA SER A 169 -4.68 2.28 -6.49
C SER A 169 -5.97 2.43 -7.30
N GLN A 170 -5.84 2.30 -8.63
CA GLN A 170 -7.01 2.44 -9.49
C GLN A 170 -8.05 1.38 -9.19
N LYS A 171 -7.60 0.16 -8.85
CA LYS A 171 -8.53 -0.91 -8.52
C LYS A 171 -9.38 -0.54 -7.31
N VAL A 172 -8.72 -0.13 -6.21
CA VAL A 172 -9.44 0.16 -4.97
C VAL A 172 -10.41 1.31 -5.16
N GLN A 173 -9.98 2.36 -5.86
CA GLN A 173 -10.86 3.50 -6.09
C GLN A 173 -12.08 3.10 -6.91
N ASP A 174 -11.90 2.19 -7.87
CA ASP A 174 -13.03 1.72 -8.67
C ASP A 174 -13.98 0.85 -7.85
N GLU A 175 -13.46 0.14 -6.85
CA GLU A 175 -14.33 -0.69 -6.01
C GLU A 175 -15.17 0.16 -5.07
N VAL A 176 -14.55 1.14 -4.41
CA VAL A 176 -15.28 2.02 -3.51
C VAL A 176 -16.32 2.84 -4.29
N GLN A 177 -16.00 3.19 -5.54
CA GLN A 177 -16.96 3.90 -6.39
C GLN A 177 -18.24 3.10 -6.53
N SER A 178 -18.14 1.79 -6.76
CA SER A 178 -19.31 0.96 -6.94
C SER A 178 -20.14 0.86 -5.67
N MET A 179 -19.50 1.00 -4.50
CA MET A 179 -20.24 0.96 -3.25
C MET A 179 -21.14 2.17 -3.09
N LEU A 180 -20.78 3.31 -3.70
CA LEU A 180 -21.50 4.55 -3.54
C LEU A 180 -22.50 4.82 -4.64
N PHE A 181 -22.64 3.92 -5.62
CA PHE A 181 -23.57 4.14 -6.71
C PHE A 181 -25.00 4.06 -6.20
N ILE A 182 -25.81 5.07 -6.55
CA ILE A 182 -27.19 5.15 -6.08
C ILE A 182 -28.14 4.81 -7.22
N GLU A 183 -28.18 5.66 -8.24
CA GLU A 183 -29.15 5.51 -9.31
C GLU A 183 -28.66 6.26 -10.54
N GLU A 184 -29.41 6.10 -11.63
CA GLU A 184 -29.18 6.82 -12.88
C GLU A 184 -30.49 7.52 -13.24
N LYS A 185 -30.59 8.81 -12.92
CA LYS A 185 -31.79 9.60 -13.14
C LYS A 185 -31.61 10.40 -14.43
N ASN A 186 -32.38 10.03 -15.46
CA ASN A 186 -32.39 10.73 -16.75
C ASN A 186 -30.99 10.75 -17.37
N GLY A 187 -30.31 9.60 -17.34
CA GLY A 187 -29.01 9.45 -17.94
C GLY A 187 -27.85 9.85 -17.06
N ASN A 188 -28.10 10.47 -15.91
CA ASN A 188 -27.05 10.90 -14.99
C ASN A 188 -26.87 9.86 -13.90
N LYS A 189 -25.69 9.24 -13.86
CA LYS A 189 -25.37 8.33 -12.77
C LYS A 189 -25.02 9.12 -11.51
N ILE A 190 -25.61 8.73 -10.39
CA ILE A 190 -25.48 9.47 -9.14
C ILE A 190 -24.78 8.59 -8.12
N TYR A 191 -23.70 9.11 -7.53
CA TYR A 191 -22.99 8.47 -6.44
C TYR A 191 -23.01 9.41 -5.24
N ALA A 192 -23.28 8.86 -4.05
CA ALA A 192 -23.39 9.70 -2.86
C ALA A 192 -23.27 8.85 -1.61
N LYS A 193 -22.83 9.50 -0.53
CA LYS A 193 -22.73 8.88 0.79
C LYS A 193 -23.33 9.84 1.81
N SER A 194 -24.42 9.43 2.45
CA SER A 194 -25.07 10.26 3.45
C SER A 194 -24.35 10.17 4.78
N GLY A 195 -24.56 11.18 5.61
CA GLY A 195 -23.94 11.23 6.93
C GLY A 195 -24.84 11.92 7.93
N TRP A 196 -24.72 11.53 9.19
CA TRP A 196 -25.51 12.12 10.26
C TRP A 196 -24.75 11.94 11.57
N GLY A 197 -24.16 13.01 12.07
CA GLY A 197 -23.50 12.99 13.36
C GLY A 197 -24.35 13.63 14.44
N TRP A 198 -25.10 12.80 15.18
CA TRP A 198 -25.98 13.30 16.22
C TRP A 198 -25.28 13.48 17.55
N ASP A 199 -24.12 12.86 17.74
CA ASP A 199 -23.38 12.92 19.00
C ASP A 199 -22.57 14.19 19.14
N VAL A 200 -22.71 15.14 18.22
CA VAL A 200 -22.09 16.45 18.32
C VAL A 200 -23.20 17.50 18.37
N ASN A 201 -22.98 18.56 19.15
CA ASN A 201 -23.97 19.62 19.29
C ASN A 201 -23.42 20.91 18.69
N PRO A 202 -24.09 21.51 17.69
CA PRO A 202 -25.34 20.99 17.12
C PRO A 202 -25.11 19.85 16.13
N GLN A 203 -26.11 18.99 15.97
CA GLN A 203 -25.99 17.86 15.06
C GLN A 203 -25.78 18.36 13.64
N VAL A 204 -25.13 17.52 12.82
CA VAL A 204 -24.76 17.87 11.45
C VAL A 204 -25.30 16.79 10.51
N GLY A 205 -25.81 17.23 9.37
CA GLY A 205 -26.30 16.32 8.34
C GLY A 205 -25.46 16.46 7.08
N TRP A 206 -25.12 15.33 6.48
CA TRP A 206 -24.23 15.28 5.33
C TRP A 206 -24.92 14.62 4.15
N LEU A 207 -24.51 15.03 2.95
CA LEU A 207 -24.84 14.27 1.73
C LEU A 207 -23.77 14.64 0.70
N THR A 208 -22.74 13.82 0.63
CA THR A 208 -21.57 14.06 -0.23
C THR A 208 -21.53 13.02 -1.34
N GLY A 209 -21.26 13.49 -2.56
CA GLY A 209 -21.15 12.60 -3.69
C GLY A 209 -20.80 13.32 -4.98
N TRP A 210 -21.25 12.78 -6.11
CA TRP A 210 -20.98 13.40 -7.40
C TRP A 210 -21.94 12.83 -8.44
N VAL A 211 -22.10 13.57 -9.53
CA VAL A 211 -22.96 13.18 -10.64
C VAL A 211 -22.11 12.97 -11.88
N VAL A 212 -22.38 11.91 -12.62
CA VAL A 212 -21.72 11.63 -13.89
C VAL A 212 -22.74 11.88 -14.97
N GLN A 213 -22.66 13.05 -15.61
CA GLN A 213 -23.62 13.44 -16.64
C GLN A 213 -23.44 12.57 -17.88
N PRO A 214 -24.44 12.58 -18.78
CA PRO A 214 -24.40 11.63 -19.92
C PRO A 214 -23.14 11.72 -20.75
N GLN A 215 -22.58 12.91 -20.95
CA GLN A 215 -21.35 13.04 -21.72
C GLN A 215 -20.11 12.73 -20.91
N GLY A 216 -20.25 12.26 -19.66
CA GLY A 216 -19.13 11.90 -18.83
C GLY A 216 -18.68 12.96 -17.84
N ASN A 217 -19.16 14.20 -17.99
CA ASN A 217 -18.77 15.25 -17.06
C ASN A 217 -19.18 14.90 -15.64
N ILE A 218 -18.27 15.16 -14.70
CA ILE A 218 -18.47 14.84 -13.29
C ILE A 218 -18.72 16.15 -12.53
N VAL A 219 -19.77 16.14 -11.70
CA VAL A 219 -20.12 17.29 -10.87
C VAL A 219 -20.20 16.79 -9.43
N ALA A 220 -19.20 17.15 -8.62
CA ALA A 220 -19.17 16.74 -7.23
C ALA A 220 -19.97 17.72 -6.37
N PHE A 221 -20.46 17.22 -5.24
CA PHE A 221 -21.27 18.04 -4.35
C PHE A 221 -21.15 17.52 -2.92
N SER A 222 -21.51 18.39 -1.98
CA SER A 222 -21.55 18.02 -0.56
C SER A 222 -22.59 18.90 0.12
N LEU A 223 -23.72 18.31 0.50
CA LEU A 223 -24.74 19.02 1.26
C LEU A 223 -24.44 18.90 2.74
N ASN A 224 -24.45 20.03 3.43
CA ASN A 224 -24.20 20.09 4.86
C ASN A 224 -25.25 20.98 5.50
N LEU A 225 -26.02 20.41 6.44
CA LEU A 225 -27.03 21.15 7.16
C LEU A 225 -27.02 20.73 8.62
N GLU A 226 -27.69 21.52 9.46
CA GLU A 226 -27.79 21.22 10.88
C GLU A 226 -28.97 20.28 11.11
N MET A 227 -28.66 19.04 11.53
CA MET A 227 -29.71 18.07 11.83
C MET A 227 -30.48 18.49 13.08
N LYS A 228 -31.55 19.24 12.89
CA LYS A 228 -32.35 19.68 14.03
C LYS A 228 -33.12 18.50 14.62
N LYS A 229 -33.56 18.68 15.87
CA LYS A 229 -34.33 17.64 16.54
C LYS A 229 -35.64 17.41 15.80
N GLY A 230 -35.94 16.15 15.52
CA GLY A 230 -37.15 15.78 14.83
C GLY A 230 -37.16 16.02 13.33
N ILE A 231 -36.10 16.60 12.78
CA ILE A 231 -36.03 16.81 11.33
C ILE A 231 -35.99 15.46 10.64
N PRO A 232 -36.68 15.28 9.51
CA PRO A 232 -36.61 14.00 8.81
C PRO A 232 -35.25 13.81 8.15
N SER A 233 -34.77 12.56 8.16
CA SER A 233 -33.51 12.25 7.51
C SER A 233 -33.60 12.39 6.00
N SER A 234 -34.81 12.37 5.43
CA SER A 234 -34.99 12.51 3.99
C SER A 234 -34.63 13.91 3.49
N VAL A 235 -34.64 14.92 4.38
CA VAL A 235 -34.41 16.29 3.95
C VAL A 235 -33.08 16.43 3.24
N ARG A 236 -32.05 15.71 3.72
CA ARG A 236 -30.75 15.77 3.09
C ARG A 236 -30.83 15.37 1.61
N LYS A 237 -31.42 14.21 1.33
CA LYS A 237 -31.54 13.76 -0.05
C LYS A 237 -32.48 14.66 -0.85
N GLU A 238 -33.55 15.14 -0.22
CA GLU A 238 -34.53 15.95 -0.93
C GLU A 238 -33.92 17.28 -1.38
N ILE A 239 -33.26 17.99 -0.47
CA ILE A 239 -32.68 19.29 -0.82
C ILE A 239 -31.59 19.11 -1.87
N THR A 240 -30.81 18.03 -1.78
CA THR A 240 -29.74 17.80 -2.74
C THR A 240 -30.30 17.54 -4.13
N TYR A 241 -31.22 16.60 -4.26
CA TYR A 241 -31.80 16.29 -5.57
C TYR A 241 -32.53 17.50 -6.15
N LYS A 242 -33.30 18.20 -5.32
CA LYS A 242 -34.02 19.38 -5.80
C LYS A 242 -33.06 20.45 -6.26
N SER A 243 -31.95 20.64 -5.55
CA SER A 243 -31.00 21.70 -5.89
C SER A 243 -30.33 21.42 -7.24
N LEU A 244 -29.83 20.19 -7.42
CA LEU A 244 -29.16 19.85 -8.66
C LEU A 244 -30.09 20.00 -9.86
N GLU A 245 -31.38 19.69 -9.66
CA GLU A 245 -32.36 19.90 -10.72
C GLU A 245 -32.50 21.38 -11.04
N GLN A 246 -32.60 22.22 -10.00
CA GLN A 246 -32.70 23.66 -10.20
C GLN A 246 -31.42 24.26 -10.75
N LEU A 247 -30.28 23.59 -10.57
CA LEU A 247 -29.00 24.06 -11.08
C LEU A 247 -28.73 23.59 -12.50
N GLY A 248 -29.71 22.95 -13.15
CA GLY A 248 -29.52 22.40 -14.47
C GLY A 248 -28.62 21.19 -14.54
N ILE A 249 -28.08 20.74 -13.42
CA ILE A 249 -27.20 19.56 -13.43
C ILE A 249 -28.01 18.29 -13.61
N LEU A 250 -29.26 18.29 -13.16
CA LEU A 250 -30.15 17.14 -13.34
C LEU A 250 -31.27 17.46 -14.32
N ASP B 11 31.62 -29.12 11.52
CA ASP B 11 32.98 -29.68 11.48
C ASP B 11 33.08 -30.76 10.41
N VAL B 12 32.68 -31.99 10.76
CA VAL B 12 32.71 -33.08 9.80
C VAL B 12 31.73 -32.82 8.66
N LYS B 13 30.54 -32.31 8.98
CA LYS B 13 29.56 -32.03 7.95
C LYS B 13 30.02 -30.91 7.02
N ALA B 14 30.36 -29.75 7.59
CA ALA B 14 30.81 -28.61 6.80
C ALA B 14 32.00 -28.96 5.92
N GLU B 15 32.78 -29.99 6.29
CA GLU B 15 33.86 -30.43 5.42
C GLU B 15 33.32 -31.21 4.23
N LYS B 16 32.24 -31.98 4.43
CA LYS B 16 31.62 -32.70 3.32
C LYS B 16 30.96 -31.73 2.35
N ILE B 17 30.39 -30.63 2.87
CA ILE B 17 29.78 -29.63 2.00
C ILE B 17 30.84 -28.96 1.14
N LYS B 18 32.00 -28.66 1.73
CA LYS B 18 33.09 -28.06 0.97
C LYS B 18 33.49 -28.97 -0.20
N ASN B 19 33.46 -30.29 0.00
CA ASN B 19 33.78 -31.21 -1.08
C ASN B 19 32.67 -31.22 -2.14
N LEU B 20 31.43 -30.97 -1.74
CA LEU B 20 30.33 -30.92 -2.71
C LEU B 20 30.59 -29.86 -3.78
N PHE B 21 30.99 -28.65 -3.34
CA PHE B 21 31.36 -27.61 -4.30
C PHE B 21 32.61 -28.01 -5.08
N ASN B 22 33.54 -28.71 -4.42
CA ASN B 22 34.77 -29.10 -5.09
C ASN B 22 34.50 -30.08 -6.22
N GLU B 23 33.70 -31.12 -5.97
CA GLU B 23 33.37 -32.09 -7.00
C GLU B 23 32.60 -31.47 -8.16
N ALA B 24 32.01 -30.30 -7.95
CA ALA B 24 31.32 -29.57 -9.02
C ALA B 24 32.25 -28.64 -9.79
N HIS B 25 33.52 -28.56 -9.38
CA HIS B 25 34.53 -27.74 -10.08
C HIS B 25 34.15 -26.26 -10.09
N THR B 26 33.69 -25.76 -8.94
CA THR B 26 33.32 -24.37 -8.82
C THR B 26 33.49 -23.93 -7.38
N THR B 27 33.38 -22.62 -7.16
CA THR B 27 33.48 -22.01 -5.84
C THR B 27 32.10 -21.53 -5.41
N GLY B 28 31.72 -21.88 -4.18
CA GLY B 28 30.38 -21.53 -3.72
C GLY B 28 30.28 -21.50 -2.21
N VAL B 29 29.13 -21.03 -1.75
CA VAL B 29 28.84 -20.91 -0.32
C VAL B 29 27.37 -21.23 -0.08
N LEU B 30 27.06 -21.67 1.14
CA LEU B 30 25.69 -21.98 1.55
C LEU B 30 25.47 -21.40 2.94
N VAL B 31 24.50 -20.49 3.05
CA VAL B 31 24.15 -19.85 4.31
C VAL B 31 22.90 -20.52 4.87
N ILE B 32 22.95 -20.93 6.14
CA ILE B 32 21.84 -21.59 6.81
C ILE B 32 21.43 -20.73 8.00
N GLN B 33 20.14 -20.42 8.10
CA GLN B 33 19.62 -19.66 9.21
C GLN B 33 18.52 -20.45 9.93
N GLN B 34 18.70 -20.61 11.24
CA GLN B 34 17.68 -21.18 12.12
C GLN B 34 17.44 -20.18 13.24
N GLY B 35 16.18 -19.77 13.42
CA GLY B 35 15.91 -18.71 14.36
C GLY B 35 16.54 -17.43 13.89
N GLN B 36 17.39 -16.83 14.72
CA GLN B 36 18.12 -15.62 14.36
C GLN B 36 19.62 -15.88 14.21
N THR B 37 20.01 -17.13 13.99
CA THR B 37 21.40 -17.52 13.88
C THR B 37 21.69 -18.05 12.48
N GLN B 38 22.84 -17.67 11.93
CA GLN B 38 23.23 -18.06 10.58
C GLN B 38 24.51 -18.90 10.62
N GLN B 39 24.62 -19.81 9.66
CA GLN B 39 25.79 -20.66 9.51
C GLN B 39 26.13 -20.78 8.03
N SER B 40 27.41 -20.76 7.72
CA SER B 40 27.90 -20.79 6.34
C SER B 40 28.68 -22.06 6.08
N TYR B 41 28.51 -22.61 4.88
CA TYR B 41 29.20 -23.82 4.45
C TYR B 41 29.64 -23.66 3.00
N GLY B 42 30.66 -24.42 2.62
CA GLY B 42 31.20 -24.40 1.28
C GLY B 42 32.70 -24.29 1.30
N ASN B 43 33.27 -23.98 0.13
CA ASN B 43 34.72 -23.80 0.01
C ASN B 43 35.15 -22.34 0.01
N ASP B 44 34.29 -21.42 -0.42
CA ASP B 44 34.57 -19.99 -0.39
C ASP B 44 33.56 -19.35 0.55
N LEU B 45 33.87 -19.38 1.85
CA LEU B 45 32.98 -18.79 2.84
C LEU B 45 32.88 -17.28 2.72
N ALA B 46 33.87 -16.64 2.09
CA ALA B 46 33.83 -15.18 1.91
C ALA B 46 32.69 -14.75 1.01
N ARG B 47 32.16 -15.66 0.18
CA ARG B 47 31.05 -15.32 -0.68
C ARG B 47 29.79 -14.97 0.10
N ALA B 48 29.68 -15.44 1.35
CA ALA B 48 28.46 -15.24 2.12
C ALA B 48 28.20 -13.76 2.40
N SER B 49 29.25 -12.96 2.55
CA SER B 49 29.13 -11.55 2.85
C SER B 49 29.51 -10.66 1.67
N THR B 50 29.53 -11.22 0.46
CA THR B 50 29.89 -10.49 -0.75
C THR B 50 28.64 -10.20 -1.56
N GLU B 51 28.61 -9.02 -2.20
CA GLU B 51 27.44 -8.59 -2.95
C GLU B 51 27.47 -9.17 -4.36
N TYR B 52 26.33 -9.73 -4.77
CA TYR B 52 26.14 -10.20 -6.13
C TYR B 52 24.75 -9.77 -6.61
N VAL B 53 24.56 -9.76 -7.92
CA VAL B 53 23.24 -9.43 -8.44
C VAL B 53 22.25 -10.50 -7.99
N PRO B 54 21.04 -10.13 -7.55
CA PRO B 54 20.09 -11.16 -7.09
C PRO B 54 19.60 -12.06 -8.21
N ALA B 55 19.61 -11.58 -9.45
CA ALA B 55 19.13 -12.33 -10.62
C ALA B 55 17.65 -12.66 -10.38
N SER B 56 17.20 -13.86 -10.70
CA SER B 56 15.79 -14.22 -10.63
C SER B 56 15.28 -14.38 -9.20
N THR B 57 16.17 -14.43 -8.20
CA THR B 57 15.72 -14.46 -6.82
C THR B 57 14.97 -13.18 -6.44
N PHE B 58 15.08 -12.14 -7.24
CA PHE B 58 14.39 -10.89 -6.99
C PHE B 58 12.90 -11.01 -7.32
N KCX B 59 12.55 -12.05 -8.07
CA KCX B 59 11.14 -12.30 -8.41
CB KCX B 59 11.01 -13.56 -9.26
CG KCX B 59 11.32 -13.37 -10.73
CD KCX B 59 11.00 -14.61 -11.54
CE KCX B 59 11.26 -14.40 -13.03
NZ KCX B 59 12.70 -14.15 -13.32
C KCX B 59 10.28 -12.42 -7.17
O KCX B 59 9.10 -12.09 -7.19
CX KCX B 59 13.17 -12.92 -13.44
OQ1 KCX B 59 12.42 -11.95 -13.30
OQ2 KCX B 59 14.38 -12.74 -13.68
N MET B 60 10.89 -12.89 -6.08
CA MET B 60 10.22 -13.00 -4.80
C MET B 60 9.74 -11.64 -4.32
N LEU B 61 10.67 -10.67 -4.29
CA LEU B 61 10.32 -9.33 -3.87
C LEU B 61 9.49 -8.62 -4.93
N ASN B 62 9.77 -8.88 -6.21
CA ASN B 62 8.99 -8.27 -7.28
C ASN B 62 7.51 -8.63 -7.16
N ALA B 63 7.22 -9.89 -6.87
CA ALA B 63 5.82 -10.32 -6.77
C ALA B 63 5.14 -9.68 -5.56
N LEU B 64 5.87 -9.54 -4.44
CA LEU B 64 5.28 -8.93 -3.25
C LEU B 64 4.88 -7.48 -3.51
N ILE B 65 5.77 -6.70 -4.13
CA ILE B 65 5.48 -5.31 -4.40
C ILE B 65 4.32 -5.17 -5.36
N GLY B 66 4.32 -5.97 -6.43
CA GLY B 66 3.26 -5.89 -7.42
C GLY B 66 1.90 -6.27 -6.85
N LEU B 67 1.87 -7.31 -6.01
CA LEU B 67 0.60 -7.73 -5.42
C LEU B 67 0.17 -6.78 -4.30
N GLU B 68 1.13 -6.31 -3.50
CA GLU B 68 0.79 -5.42 -2.39
C GLU B 68 0.18 -4.12 -2.88
N HIS B 69 0.64 -3.61 -4.04
CA HIS B 69 0.18 -2.34 -4.56
C HIS B 69 -0.88 -2.50 -5.65
N HIS B 70 -1.51 -3.68 -5.73
CA HIS B 70 -2.63 -3.93 -6.62
C HIS B 70 -2.26 -3.68 -8.09
N LYS B 71 -0.99 -3.86 -8.43
CA LYS B 71 -0.58 -3.76 -9.83
C LYS B 71 -0.98 -4.99 -10.63
N ALA B 72 -1.24 -6.12 -9.97
CA ALA B 72 -1.61 -7.36 -10.64
C ALA B 72 -2.27 -8.27 -9.63
N THR B 73 -2.86 -9.35 -10.13
CA THR B 73 -3.50 -10.36 -9.31
C THR B 73 -2.84 -11.71 -9.57
N THR B 74 -3.17 -12.69 -8.72
CA THR B 74 -2.59 -14.01 -8.82
C THR B 74 -3.19 -14.84 -9.95
N THR B 75 -4.42 -14.52 -10.38
CA THR B 75 -5.08 -15.27 -11.44
C THR B 75 -4.90 -14.63 -12.82
N GLU B 76 -4.33 -13.42 -12.88
CA GLU B 76 -4.08 -12.79 -14.18
C GLU B 76 -3.16 -13.66 -15.03
N VAL B 77 -3.50 -13.77 -16.32
CA VAL B 77 -2.73 -14.57 -17.26
C VAL B 77 -1.96 -13.62 -18.17
N PHE B 78 -0.64 -13.79 -18.22
CA PHE B 78 0.22 -12.98 -19.09
C PHE B 78 0.35 -13.70 -20.42
N LYS B 79 -0.34 -13.19 -21.44
CA LYS B 79 -0.37 -13.86 -22.73
C LYS B 79 0.99 -13.81 -23.40
N TRP B 80 1.39 -14.95 -23.97
CA TRP B 80 2.65 -15.04 -24.71
C TRP B 80 2.47 -14.41 -26.08
N ASP B 81 3.44 -13.56 -26.46
CA ASP B 81 3.32 -12.78 -27.70
C ASP B 81 3.59 -13.61 -28.95
N GLY B 82 4.14 -14.82 -28.81
CA GLY B 82 4.47 -15.66 -29.94
C GLY B 82 5.93 -15.66 -30.33
N LYS B 83 6.73 -14.75 -29.80
CA LYS B 83 8.14 -14.66 -30.15
C LYS B 83 8.96 -15.71 -29.42
N LYS B 84 10.04 -16.14 -30.06
CA LYS B 84 10.90 -17.17 -29.49
C LYS B 84 11.55 -16.69 -28.21
N ARG B 85 11.63 -17.58 -27.23
CA ARG B 85 12.23 -17.29 -25.93
C ARG B 85 13.46 -18.17 -25.72
N LEU B 86 14.22 -17.83 -24.68
CA LEU B 86 15.46 -18.56 -24.39
C LEU B 86 15.18 -19.98 -23.95
N PHE B 87 14.04 -20.22 -23.32
CA PHE B 87 13.68 -21.52 -22.80
C PHE B 87 12.27 -21.88 -23.26
N PRO B 88 11.98 -23.17 -23.48
CA PRO B 88 10.64 -23.55 -23.95
C PRO B 88 9.56 -23.37 -22.89
N GLU B 89 9.91 -23.44 -21.61
CA GLU B 89 8.94 -23.15 -20.54
C GLU B 89 8.49 -21.70 -20.53
N TRP B 90 9.17 -20.82 -21.27
CA TRP B 90 8.82 -19.41 -21.30
C TRP B 90 7.81 -19.06 -22.39
N GLU B 91 7.60 -19.96 -23.36
CA GLU B 91 6.70 -19.68 -24.49
C GLU B 91 5.31 -20.23 -24.20
N LYS B 92 4.66 -19.65 -23.19
CA LYS B 92 3.31 -20.06 -22.83
C LYS B 92 2.66 -18.97 -22.00
N ASP B 93 1.33 -18.95 -22.03
CA ASP B 93 0.57 -18.04 -21.17
C ASP B 93 0.71 -18.47 -19.73
N MET B 94 0.98 -17.51 -18.84
CA MET B 94 1.34 -17.83 -17.46
C MET B 94 0.82 -16.77 -16.51
N THR B 95 0.33 -17.25 -15.36
CA THR B 95 0.06 -16.38 -14.23
C THR B 95 1.37 -16.04 -13.53
N LEU B 96 1.29 -15.11 -12.57
CA LEU B 96 2.48 -14.74 -11.81
C LEU B 96 3.10 -15.94 -11.13
N GLY B 97 2.27 -16.89 -10.68
CA GLY B 97 2.80 -18.10 -10.09
C GLY B 97 3.50 -18.99 -11.10
N ASP B 98 2.92 -19.12 -12.30
CA ASP B 98 3.56 -19.91 -13.34
C ASP B 98 4.92 -19.34 -13.72
N ALA B 99 5.02 -18.01 -13.83
CA ALA B 99 6.28 -17.39 -14.20
C ALA B 99 7.32 -17.53 -13.10
N MET B 100 6.88 -17.70 -11.85
CA MET B 100 7.84 -17.91 -10.76
C MET B 100 8.49 -19.29 -10.87
N LYS B 101 7.68 -20.32 -11.09
CA LYS B 101 8.23 -21.67 -11.23
C LYS B 101 9.13 -21.78 -12.45
N ALA B 102 8.70 -21.22 -13.58
CA ALA B 102 9.49 -21.25 -14.80
C ALA B 102 10.56 -20.16 -14.86
N SER B 103 10.57 -19.24 -13.90
CA SER B 103 11.54 -18.14 -13.86
C SER B 103 11.49 -17.31 -15.14
N ALA B 104 10.28 -16.93 -15.54
CA ALA B 104 10.07 -16.17 -16.78
C ALA B 104 10.38 -14.71 -16.50
N ILE B 105 11.54 -14.25 -17.00
CA ILE B 105 11.94 -12.86 -16.83
C ILE B 105 10.94 -11.93 -17.50
N GLN B 106 10.40 -12.35 -18.65
CA GLN B 106 9.55 -11.46 -19.43
C GLN B 106 8.28 -11.09 -18.66
N VAL B 107 7.73 -12.03 -17.90
CA VAL B 107 6.50 -11.76 -17.17
C VAL B 107 6.75 -10.75 -16.06
N TYR B 108 7.87 -10.89 -15.34
CA TYR B 108 8.15 -9.99 -14.23
C TYR B 108 8.76 -8.67 -14.68
N GLN B 109 9.28 -8.59 -15.90
CA GLN B 109 9.60 -7.29 -16.47
C GLN B 109 8.33 -6.49 -16.76
N ASP B 110 7.27 -7.19 -17.19
CA ASP B 110 5.96 -6.55 -17.32
C ASP B 110 5.50 -6.01 -15.98
N LEU B 111 5.58 -6.84 -14.93
CA LEU B 111 5.20 -6.40 -13.59
C LEU B 111 6.06 -5.25 -13.11
N ALA B 112 7.36 -5.31 -13.38
CA ALA B 112 8.26 -4.24 -12.94
C ALA B 112 7.91 -2.92 -13.62
N ARG B 113 7.45 -2.98 -14.86
CA ARG B 113 7.07 -1.75 -15.56
C ARG B 113 5.76 -1.18 -15.05
N ARG B 114 4.86 -2.05 -14.56
CA ARG B 114 3.64 -1.55 -13.91
C ARG B 114 3.97 -0.84 -12.61
N ILE B 115 4.90 -1.40 -11.82
CA ILE B 115 5.28 -0.79 -10.56
C ILE B 115 5.94 0.56 -10.80
N GLY B 116 6.90 0.59 -11.71
CA GLY B 116 7.62 1.82 -11.99
C GLY B 116 8.86 1.98 -11.12
N LEU B 117 9.81 2.75 -11.63
CA LEU B 117 11.08 2.94 -10.92
C LEU B 117 10.86 3.65 -9.59
N GLU B 118 9.91 4.58 -9.54
CA GLU B 118 9.68 5.35 -8.32
C GLU B 118 9.18 4.44 -7.20
N LEU B 119 8.09 3.73 -7.43
CA LEU B 119 7.53 2.86 -6.40
C LEU B 119 8.46 1.69 -6.07
N MET B 120 9.12 1.13 -7.10
CA MET B 120 10.04 0.03 -6.85
C MET B 120 11.18 0.45 -5.93
N SER B 121 11.80 1.60 -6.22
CA SER B 121 12.89 2.08 -5.38
C SER B 121 12.42 2.35 -3.96
N LYS B 122 11.21 2.90 -3.81
CA LYS B 122 10.70 3.20 -2.47
C LYS B 122 10.52 1.92 -1.66
N GLU B 123 9.96 0.88 -2.27
CA GLU B 123 9.75 -0.38 -1.55
C GLU B 123 11.05 -1.11 -1.30
N VAL B 124 11.99 -1.02 -2.24
CA VAL B 124 13.29 -1.66 -2.06
C VAL B 124 14.05 -0.99 -0.93
N LYS B 125 13.96 0.35 -0.84
CA LYS B 125 14.59 1.06 0.27
C LYS B 125 13.86 0.79 1.58
N ARG B 126 12.52 0.79 1.55
CA ARG B 126 11.73 0.55 2.75
C ARG B 126 12.02 -0.84 3.32
N VAL B 127 12.15 -1.84 2.45
CA VAL B 127 12.42 -3.19 2.91
C VAL B 127 13.89 -3.37 3.27
N GLY B 128 14.79 -2.67 2.57
CA GLY B 128 16.20 -2.83 2.80
C GLY B 128 16.80 -4.02 2.09
N TYR B 129 16.40 -4.26 0.84
CA TYR B 129 16.84 -5.43 0.08
C TYR B 129 18.22 -5.17 -0.47
N GLY B 130 19.22 -5.91 0.05
CA GLY B 130 20.58 -5.75 -0.43
C GLY B 130 21.08 -4.34 -0.22
N ASN B 131 21.71 -3.77 -1.24
CA ASN B 131 22.15 -2.39 -1.20
C ASN B 131 21.04 -1.41 -1.52
N ALA B 132 19.85 -1.90 -1.88
CA ALA B 132 18.67 -1.07 -2.10
C ALA B 132 18.88 -0.04 -3.21
N ASP B 133 19.70 -0.37 -4.20
CA ASP B 133 20.02 0.52 -5.30
C ASP B 133 19.54 -0.12 -6.60
N ILE B 134 18.46 0.41 -7.17
CA ILE B 134 17.92 -0.12 -8.41
C ILE B 134 18.29 0.75 -9.62
N GLY B 135 19.00 1.85 -9.41
CA GLY B 135 19.44 2.66 -10.54
C GLY B 135 18.28 3.36 -11.22
N THR B 136 18.37 3.45 -12.55
CA THR B 136 17.37 4.15 -13.35
C THR B 136 16.60 3.24 -14.31
N GLN B 137 17.06 2.02 -14.54
CA GLN B 137 16.37 1.07 -15.41
C GLN B 137 15.60 0.08 -14.55
N VAL B 138 14.27 0.08 -14.69
CA VAL B 138 13.41 -0.71 -13.81
C VAL B 138 13.16 -2.12 -14.30
N ASP B 139 13.56 -2.44 -15.54
CA ASP B 139 13.26 -3.76 -16.11
C ASP B 139 14.50 -4.65 -16.22
N ASN B 140 15.62 -4.29 -15.58
CA ASN B 140 16.78 -5.20 -15.59
C ASN B 140 17.76 -4.96 -14.44
N PHE B 141 17.38 -4.22 -13.39
CA PHE B 141 18.34 -3.86 -12.34
C PHE B 141 18.76 -5.06 -11.50
N TRP B 142 17.99 -6.14 -11.50
CA TRP B 142 18.34 -7.34 -10.75
C TRP B 142 19.22 -8.29 -11.54
N LEU B 143 19.29 -8.13 -12.86
CA LEU B 143 20.14 -8.99 -13.67
C LEU B 143 21.51 -8.38 -13.89
N VAL B 144 21.56 -7.10 -14.28
CA VAL B 144 22.82 -6.39 -14.49
C VAL B 144 22.89 -5.07 -13.74
N GLY B 145 21.77 -4.50 -13.29
CA GLY B 145 21.77 -3.19 -12.69
C GLY B 145 22.52 -3.10 -11.39
N PRO B 146 22.45 -1.94 -10.74
CA PRO B 146 23.24 -1.72 -9.52
C PRO B 146 22.78 -2.53 -8.32
N LEU B 147 21.62 -3.18 -8.40
CA LEU B 147 21.11 -3.92 -7.26
C LEU B 147 21.99 -5.14 -7.00
N LYS B 148 22.58 -5.21 -5.82
CA LYS B 148 23.39 -6.33 -5.38
C LYS B 148 22.95 -6.75 -3.99
N ILE B 149 23.11 -8.04 -3.69
CA ILE B 149 22.69 -8.59 -2.41
C ILE B 149 23.63 -9.72 -2.04
N THR B 150 23.91 -9.82 -0.72
CA THR B 150 24.75 -10.90 -0.23
C THR B 150 23.91 -12.14 0.09
N PRO B 151 24.51 -13.33 0.02
CA PRO B 151 23.75 -14.54 0.38
C PRO B 151 23.22 -14.53 1.80
N GLN B 152 23.94 -13.88 2.73
CA GLN B 152 23.44 -13.76 4.10
C GLN B 152 22.12 -13.01 4.14
N GLN B 153 22.03 -11.90 3.41
CA GLN B 153 20.79 -11.14 3.37
C GLN B 153 19.67 -11.94 2.69
N GLU B 154 20.03 -12.80 1.74
CA GLU B 154 19.01 -13.58 1.05
C GLU B 154 18.41 -14.64 1.97
N ALA B 155 19.24 -15.33 2.74
CA ALA B 155 18.73 -16.29 3.71
C ALA B 155 17.96 -15.57 4.82
N GLN B 156 18.46 -14.42 5.28
CA GLN B 156 17.72 -13.64 6.26
C GLN B 156 16.41 -13.12 5.68
N PHE B 157 16.43 -12.72 4.40
CA PHE B 157 15.20 -12.30 3.74
C PHE B 157 14.22 -13.47 3.61
N ALA B 158 14.73 -14.64 3.23
CA ALA B 158 13.86 -15.80 3.09
C ALA B 158 13.23 -16.20 4.42
N TYR B 159 13.98 -16.05 5.51
CA TYR B 159 13.43 -16.37 6.83
C TYR B 159 12.25 -15.48 7.16
N LYS B 160 12.29 -14.21 6.74
CA LYS B 160 11.20 -13.30 7.03
C LYS B 160 9.94 -13.67 6.26
N LEU B 161 10.09 -14.04 4.99
CA LEU B 161 8.94 -14.46 4.19
C LEU B 161 8.32 -15.74 4.75
N ALA B 162 9.15 -16.65 5.24
CA ALA B 162 8.64 -17.90 5.79
C ALA B 162 7.81 -17.64 7.04
N ASN B 163 8.23 -16.68 7.86
CA ASN B 163 7.48 -16.30 9.05
C ASN B 163 6.47 -15.18 8.78
N LYS B 164 6.38 -14.72 7.53
CA LYS B 164 5.44 -13.65 7.15
C LYS B 164 5.67 -12.39 7.97
N THR B 165 6.94 -12.08 8.24
CA THR B 165 7.32 -10.92 9.04
C THR B 165 7.86 -9.77 8.20
N LEU B 166 7.77 -9.87 6.88
CA LEU B 166 8.13 -8.76 6.02
C LEU B 166 7.09 -7.65 6.13
N PRO B 167 7.47 -6.38 5.82
CA PRO B 167 6.54 -5.25 5.88
C PRO B 167 5.50 -5.25 4.76
N PHE B 168 4.88 -6.40 4.53
CA PHE B 168 3.83 -6.55 3.54
C PHE B 168 2.63 -7.23 4.19
N SER B 169 1.48 -7.14 3.53
CA SER B 169 0.28 -7.77 4.04
C SER B 169 0.47 -9.28 4.11
N GLN B 170 -0.23 -9.91 5.06
CA GLN B 170 -0.13 -11.36 5.21
C GLN B 170 -0.68 -12.07 3.98
N LYS B 171 -1.71 -11.51 3.35
CA LYS B 171 -2.29 -12.11 2.16
C LYS B 171 -1.27 -12.18 1.03
N VAL B 172 -0.54 -11.09 0.81
CA VAL B 172 0.42 -11.06 -0.28
C VAL B 172 1.58 -12.01 -0.01
N GLN B 173 2.07 -12.04 1.24
CA GLN B 173 3.17 -12.93 1.57
C GLN B 173 2.76 -14.39 1.46
N ASP B 174 1.56 -14.73 1.95
CA ASP B 174 1.08 -16.11 1.86
C ASP B 174 0.86 -16.53 0.43
N GLU B 175 0.44 -15.61 -0.44
CA GLU B 175 0.26 -15.94 -1.85
C GLU B 175 1.59 -16.14 -2.56
N VAL B 176 2.54 -15.23 -2.32
CA VAL B 176 3.88 -15.41 -2.88
C VAL B 176 4.55 -16.63 -2.27
N GLN B 177 4.24 -16.93 -1.00
CA GLN B 177 4.75 -18.15 -0.38
C GLN B 177 4.36 -19.37 -1.20
N SER B 178 3.07 -19.50 -1.53
CA SER B 178 2.60 -20.65 -2.27
C SER B 178 3.21 -20.72 -3.67
N MET B 179 3.55 -19.56 -4.24
CA MET B 179 4.17 -19.55 -5.58
C MET B 179 5.54 -20.21 -5.57
N LEU B 180 6.22 -20.20 -4.44
CA LEU B 180 7.58 -20.71 -4.32
C LEU B 180 7.64 -22.16 -3.88
N PHE B 181 6.49 -22.80 -3.64
CA PHE B 181 6.50 -24.18 -3.18
C PHE B 181 7.09 -25.09 -4.25
N ILE B 182 8.05 -25.92 -3.86
CA ILE B 182 8.76 -26.83 -4.77
C ILE B 182 8.28 -28.27 -4.58
N GLU B 183 8.48 -28.83 -3.40
CA GLU B 183 8.18 -30.24 -3.16
C GLU B 183 7.99 -30.46 -1.67
N GLU B 184 7.47 -31.64 -1.33
CA GLU B 184 7.34 -32.07 0.06
C GLU B 184 8.05 -33.42 0.18
N LYS B 185 9.29 -33.40 0.67
CA LYS B 185 10.11 -34.59 0.77
C LYS B 185 10.11 -35.08 2.21
N ASN B 186 9.43 -36.20 2.45
CA ASN B 186 9.40 -36.85 3.76
C ASN B 186 8.84 -35.92 4.84
N GLY B 187 7.74 -35.24 4.50
CA GLY B 187 7.06 -34.36 5.43
C GLY B 187 7.61 -32.96 5.52
N ASN B 188 8.72 -32.67 4.84
CA ASN B 188 9.31 -31.33 4.86
C ASN B 188 8.87 -30.57 3.61
N LYS B 189 8.25 -29.42 3.81
CA LYS B 189 7.86 -28.56 2.71
C LYS B 189 9.06 -27.76 2.23
N ILE B 190 9.25 -27.71 0.91
CA ILE B 190 10.40 -27.05 0.31
C ILE B 190 9.92 -25.87 -0.51
N TYR B 191 10.47 -24.69 -0.21
CA TYR B 191 10.23 -23.48 -0.98
C TYR B 191 11.58 -22.94 -1.42
N ALA B 192 11.69 -22.55 -2.70
CA ALA B 192 12.97 -22.11 -3.21
C ALA B 192 12.77 -21.30 -4.48
N LYS B 193 13.73 -20.42 -4.76
CA LYS B 193 13.78 -19.62 -5.97
C LYS B 193 15.20 -19.67 -6.53
N SER B 194 15.35 -20.25 -7.72
CA SER B 194 16.66 -20.35 -8.34
C SER B 194 17.03 -19.05 -9.04
N GLY B 195 18.32 -18.87 -9.27
CA GLY B 195 18.81 -17.68 -9.94
C GLY B 195 20.09 -17.97 -10.71
N TRP B 196 20.27 -17.24 -11.80
CA TRP B 196 21.46 -17.39 -12.63
C TRP B 196 21.67 -16.10 -13.42
N GLY B 197 22.71 -15.36 -13.08
CA GLY B 197 23.04 -14.15 -13.82
C GLY B 197 24.20 -14.36 -14.77
N TRP B 198 23.89 -14.67 -16.03
CA TRP B 198 24.94 -14.85 -17.02
C TRP B 198 25.45 -13.54 -17.57
N ASP B 199 24.67 -12.46 -17.46
CA ASP B 199 25.04 -11.16 -18.00
C ASP B 199 26.14 -10.47 -17.21
N VAL B 200 26.65 -11.09 -16.15
CA VAL B 200 27.74 -10.55 -15.37
C VAL B 200 28.91 -11.52 -15.41
N ASN B 201 30.13 -10.97 -15.46
CA ASN B 201 31.34 -11.78 -15.43
C ASN B 201 32.11 -11.44 -14.17
N PRO B 202 32.34 -12.39 -13.26
CA PRO B 202 31.93 -13.80 -13.36
C PRO B 202 30.44 -14.01 -13.10
N GLN B 203 29.87 -15.02 -13.74
CA GLN B 203 28.45 -15.33 -13.58
C GLN B 203 28.17 -15.80 -12.15
N VAL B 204 26.91 -15.65 -11.75
CA VAL B 204 26.48 -15.98 -10.39
C VAL B 204 25.32 -16.98 -10.46
N GLY B 205 25.33 -17.93 -9.54
CA GLY B 205 24.25 -18.89 -9.41
C GLY B 205 23.62 -18.79 -8.04
N TRP B 206 22.29 -18.81 -8.00
CA TRP B 206 21.53 -18.58 -6.78
C TRP B 206 20.60 -19.75 -6.51
N LEU B 207 20.35 -20.00 -5.23
CA LEU B 207 19.26 -20.89 -4.82
C LEU B 207 18.90 -20.53 -3.38
N THR B 208 17.88 -19.69 -3.23
CA THR B 208 17.43 -19.20 -1.93
C THR B 208 16.03 -19.72 -1.64
N GLY B 209 15.82 -20.18 -0.41
CA GLY B 209 14.52 -20.64 0.02
C GLY B 209 14.51 -21.05 1.47
N TRP B 210 13.66 -22.01 1.82
CA TRP B 210 13.59 -22.49 3.20
C TRP B 210 12.87 -23.83 3.22
N VAL B 211 13.08 -24.56 4.30
CA VAL B 211 12.44 -25.86 4.52
C VAL B 211 11.55 -25.75 5.74
N VAL B 212 10.36 -26.33 5.66
CA VAL B 212 9.43 -26.38 6.78
C VAL B 212 9.38 -27.83 7.25
N GLN B 213 10.10 -28.13 8.31
CA GLN B 213 10.17 -29.48 8.85
C GLN B 213 8.80 -29.91 9.38
N PRO B 214 8.59 -31.22 9.58
CA PRO B 214 7.25 -31.70 9.97
C PRO B 214 6.68 -31.04 11.21
N GLN B 215 7.51 -30.68 12.18
CA GLN B 215 7.02 -30.05 13.40
C GLN B 215 6.82 -28.54 13.26
N GLY B 216 6.97 -28.01 12.05
CA GLY B 216 6.73 -26.60 11.79
C GLY B 216 7.96 -25.71 11.83
N ASN B 217 9.08 -26.22 12.34
CA ASN B 217 10.30 -25.41 12.39
C ASN B 217 10.72 -24.99 11.00
N ILE B 218 11.17 -23.74 10.88
CA ILE B 218 11.55 -23.14 9.61
C ILE B 218 13.06 -23.01 9.55
N VAL B 219 13.66 -23.47 8.45
CA VAL B 219 15.10 -23.39 8.23
C VAL B 219 15.32 -22.75 6.87
N ALA B 220 15.82 -21.52 6.86
CA ALA B 220 16.09 -20.80 5.63
C ALA B 220 17.49 -21.12 5.12
N PHE B 221 17.69 -20.92 3.82
CA PHE B 221 18.97 -21.21 3.20
C PHE B 221 19.20 -20.28 2.02
N SER B 222 20.46 -20.15 1.63
CA SER B 222 20.83 -19.40 0.43
C SER B 222 22.10 -20.01 -0.13
N LEU B 223 21.99 -20.64 -1.30
CA LEU B 223 23.14 -21.19 -1.99
C LEU B 223 23.69 -20.16 -2.97
N ASN B 224 25.00 -19.95 -2.94
CA ASN B 224 25.66 -18.99 -3.81
C ASN B 224 26.94 -19.62 -4.34
N LEU B 225 27.04 -19.76 -5.66
CA LEU B 225 28.20 -20.36 -6.29
C LEU B 225 28.53 -19.59 -7.57
N GLU B 226 29.74 -19.83 -8.07
CA GLU B 226 30.20 -19.21 -9.31
C GLU B 226 29.77 -20.08 -10.48
N MET B 227 28.84 -19.57 -11.29
CA MET B 227 28.35 -20.30 -12.45
C MET B 227 29.40 -20.31 -13.55
N LYS B 228 30.23 -21.35 -13.59
CA LYS B 228 31.25 -21.45 -14.62
C LYS B 228 30.62 -21.78 -15.97
N LYS B 229 31.35 -21.49 -17.04
CA LYS B 229 30.87 -21.77 -18.37
C LYS B 229 30.71 -23.27 -18.57
N GLY B 230 29.57 -23.66 -19.15
CA GLY B 230 29.29 -25.06 -19.39
C GLY B 230 28.85 -25.86 -18.18
N ILE B 231 28.86 -25.25 -17.00
CA ILE B 231 28.40 -25.95 -15.80
C ILE B 231 26.91 -26.25 -15.93
N PRO B 232 26.44 -27.41 -15.50
CA PRO B 232 25.02 -27.71 -15.61
C PRO B 232 24.21 -26.91 -14.61
N SER B 233 22.98 -26.57 -15.00
CA SER B 233 22.11 -25.83 -14.10
C SER B 233 21.64 -26.67 -12.92
N SER B 234 21.80 -28.00 -12.99
CA SER B 234 21.31 -28.86 -11.94
C SER B 234 22.16 -28.80 -10.67
N VAL B 235 23.39 -28.30 -10.76
CA VAL B 235 24.30 -28.35 -9.61
C VAL B 235 23.73 -27.55 -8.46
N ARG B 236 23.04 -26.44 -8.76
CA ARG B 236 22.49 -25.59 -7.71
C ARG B 236 21.53 -26.37 -6.83
N LYS B 237 20.53 -27.01 -7.45
CA LYS B 237 19.58 -27.79 -6.68
C LYS B 237 20.25 -28.97 -6.00
N GLU B 238 21.18 -29.63 -6.69
CA GLU B 238 21.79 -30.85 -6.15
C GLU B 238 22.67 -30.54 -4.94
N ILE B 239 23.53 -29.53 -5.04
CA ILE B 239 24.40 -29.18 -3.92
C ILE B 239 23.57 -28.73 -2.73
N THR B 240 22.49 -27.98 -2.98
CA THR B 240 21.62 -27.53 -1.91
C THR B 240 21.00 -28.72 -1.18
N TYR B 241 20.27 -29.56 -1.91
CA TYR B 241 19.60 -30.71 -1.29
C TYR B 241 20.59 -31.61 -0.58
N LYS B 242 21.73 -31.89 -1.20
CA LYS B 242 22.72 -32.78 -0.58
C LYS B 242 23.29 -32.15 0.69
N SER B 243 23.53 -30.84 0.68
CA SER B 243 24.13 -30.18 1.84
C SER B 243 23.20 -30.25 3.04
N LEU B 244 21.97 -29.76 2.89
CA LEU B 244 21.04 -29.76 4.03
C LEU B 244 20.64 -31.18 4.41
N GLU B 245 20.65 -32.11 3.46
CA GLU B 245 20.43 -33.52 3.81
C GLU B 245 21.56 -34.04 4.68
N GLN B 246 22.81 -33.74 4.31
CA GLN B 246 23.93 -34.07 5.18
C GLN B 246 23.89 -33.28 6.47
N LEU B 247 23.20 -32.13 6.48
CA LEU B 247 23.02 -31.32 7.68
C LEU B 247 21.83 -31.75 8.51
N GLY B 248 21.15 -32.83 8.13
CA GLY B 248 19.99 -33.30 8.87
C GLY B 248 18.74 -32.46 8.73
N ILE B 249 18.77 -31.39 7.93
CA ILE B 249 17.59 -30.56 7.78
C ILE B 249 16.56 -31.24 6.88
N LEU B 250 17.02 -32.07 5.93
CA LEU B 250 16.12 -32.86 5.11
C LEU B 250 16.33 -34.35 5.35
N SER C 10 -24.19 12.62 -28.79
CA SER C 10 -25.20 12.84 -29.82
C SER C 10 -24.65 12.52 -31.20
N ASP C 11 -25.19 11.47 -31.82
CA ASP C 11 -24.75 11.06 -33.15
C ASP C 11 -25.25 11.99 -34.25
N VAL C 12 -26.14 12.93 -33.92
CA VAL C 12 -26.63 13.87 -34.93
C VAL C 12 -25.53 14.86 -35.30
N LYS C 13 -25.01 15.58 -34.30
CA LYS C 13 -23.90 16.49 -34.55
C LYS C 13 -22.60 15.75 -34.84
N ALA C 14 -22.58 14.42 -34.72
CA ALA C 14 -21.35 13.69 -34.97
C ALA C 14 -21.18 13.36 -36.45
N GLU C 15 -22.27 13.29 -37.21
CA GLU C 15 -22.16 13.10 -38.65
C GLU C 15 -21.73 14.37 -39.35
N LYS C 16 -22.08 15.54 -38.81
CA LYS C 16 -21.60 16.79 -39.38
C LYS C 16 -20.10 16.93 -39.22
N ILE C 17 -19.55 16.43 -38.10
CA ILE C 17 -18.10 16.44 -37.92
C ILE C 17 -17.42 15.60 -38.98
N LYS C 18 -18.00 14.43 -39.26
CA LYS C 18 -17.49 13.58 -40.34
C LYS C 18 -17.41 14.37 -41.65
N ASN C 19 -18.45 15.13 -41.98
CA ASN C 19 -18.43 15.94 -43.17
C ASN C 19 -17.39 17.07 -43.06
N LEU C 20 -17.25 17.65 -41.86
CA LEU C 20 -16.28 18.72 -41.67
C LEU C 20 -14.87 18.24 -42.03
N PHE C 21 -14.45 17.11 -41.46
CA PHE C 21 -13.17 16.53 -41.83
C PHE C 21 -13.21 15.98 -43.25
N ASN C 22 -14.37 15.53 -43.71
CA ASN C 22 -14.50 15.09 -45.10
C ASN C 22 -14.39 16.26 -46.06
N GLU C 23 -15.11 17.35 -45.78
CA GLU C 23 -15.04 18.54 -46.62
C GLU C 23 -13.66 19.16 -46.62
N ALA C 24 -12.82 18.82 -45.65
CA ALA C 24 -11.43 19.27 -45.66
C ALA C 24 -10.54 18.38 -46.52
N HIS C 25 -11.06 17.28 -47.06
CA HIS C 25 -10.32 16.40 -47.96
C HIS C 25 -9.10 15.78 -47.27
N THR C 26 -9.30 15.31 -46.03
CA THR C 26 -8.24 14.64 -45.29
C THR C 26 -8.89 13.72 -44.27
N THR C 27 -8.06 12.88 -43.65
CA THR C 27 -8.49 11.94 -42.63
C THR C 27 -8.06 12.44 -41.27
N GLY C 28 -9.02 12.62 -40.36
CA GLY C 28 -8.72 13.16 -39.05
C GLY C 28 -9.72 12.70 -38.01
N VAL C 29 -9.33 12.88 -36.73
CA VAL C 29 -10.16 12.53 -35.59
C VAL C 29 -10.09 13.64 -34.56
N LEU C 30 -11.17 13.77 -33.78
CA LEU C 30 -11.23 14.69 -32.65
C LEU C 30 -11.80 13.94 -31.46
N VAL C 31 -10.98 13.81 -30.41
CA VAL C 31 -11.37 13.11 -29.19
C VAL C 31 -11.74 14.14 -28.13
N ILE C 32 -12.88 13.95 -27.50
CA ILE C 32 -13.39 14.85 -26.47
C ILE C 32 -13.52 14.07 -25.16
N GLN C 33 -12.93 14.60 -24.09
CA GLN C 33 -13.01 13.96 -22.78
C GLN C 33 -13.69 14.90 -21.80
N GLN C 34 -14.76 14.41 -21.17
CA GLN C 34 -15.42 15.09 -20.06
C GLN C 34 -15.40 14.14 -18.87
N GLY C 35 -14.87 14.62 -17.75
CA GLY C 35 -14.64 13.73 -16.62
C GLY C 35 -13.64 12.67 -17.03
N GLN C 36 -14.06 11.40 -16.95
CA GLN C 36 -13.22 10.28 -17.36
C GLN C 36 -13.76 9.57 -18.59
N THR C 37 -14.64 10.23 -19.35
CA THR C 37 -15.27 9.65 -20.53
C THR C 37 -14.82 10.38 -21.78
N GLN C 38 -14.49 9.61 -22.82
CA GLN C 38 -14.00 10.16 -24.07
C GLN C 38 -14.96 9.87 -25.21
N GLN C 39 -14.99 10.76 -26.20
CA GLN C 39 -15.80 10.62 -27.39
C GLN C 39 -14.99 11.06 -28.60
N SER C 40 -15.10 10.30 -29.70
CA SER C 40 -14.29 10.51 -30.88
C SER C 40 -15.16 10.81 -32.10
N TYR C 41 -14.76 11.82 -32.86
CA TYR C 41 -15.46 12.22 -34.08
C TYR C 41 -14.46 12.31 -35.22
N GLY C 42 -14.97 12.24 -36.46
CA GLY C 42 -14.16 12.31 -37.65
C GLY C 42 -14.57 11.26 -38.65
N ASN C 43 -13.70 10.99 -39.62
CA ASN C 43 -13.99 10.00 -40.65
C ASN C 43 -13.26 8.68 -40.45
N ASP C 44 -12.08 8.70 -39.83
CA ASP C 44 -11.29 7.49 -39.56
C ASP C 44 -11.19 7.33 -38.05
N LEU C 45 -12.25 6.80 -37.44
CA LEU C 45 -12.29 6.68 -35.98
C LEU C 45 -11.18 5.76 -35.47
N ALA C 46 -10.69 4.84 -36.30
CA ALA C 46 -9.59 3.97 -35.89
C ALA C 46 -8.32 4.76 -35.58
N ARG C 47 -8.19 5.97 -36.14
CA ARG C 47 -7.03 6.79 -35.84
C ARG C 47 -7.00 7.26 -34.39
N ALA C 48 -8.13 7.21 -33.70
CA ALA C 48 -8.18 7.60 -32.29
C ALA C 48 -7.37 6.67 -31.40
N SER C 49 -7.12 5.44 -31.83
CA SER C 49 -6.39 4.46 -31.03
C SER C 49 -5.07 4.07 -31.69
N THR C 50 -4.59 4.85 -32.64
CA THR C 50 -3.32 4.58 -33.31
C THR C 50 -2.26 5.56 -32.84
N GLU C 51 -1.01 5.12 -32.89
CA GLU C 51 0.11 5.88 -32.35
C GLU C 51 0.69 6.80 -33.42
N TYR C 52 0.98 8.04 -33.02
CA TYR C 52 1.63 9.00 -33.88
C TYR C 52 2.66 9.79 -33.09
N VAL C 53 3.60 10.38 -33.80
CA VAL C 53 4.62 11.21 -33.14
C VAL C 53 3.95 12.44 -32.53
N PRO C 54 4.32 12.83 -31.31
CA PRO C 54 3.66 14.00 -30.70
C PRO C 54 3.99 15.31 -31.41
N ALA C 55 5.13 15.38 -32.08
CA ALA C 55 5.58 16.61 -32.76
C ALA C 55 5.70 17.71 -31.71
N SER C 56 5.31 18.94 -32.02
CA SER C 56 5.46 20.06 -31.09
C SER C 56 4.54 19.97 -29.89
N THR C 57 3.54 19.09 -29.90
CA THR C 57 2.69 18.94 -28.72
C THR C 57 3.46 18.42 -27.52
N PHE C 58 4.66 17.90 -27.73
CA PHE C 58 5.49 17.40 -26.64
C PHE C 58 6.08 18.56 -25.84
N KCX C 59 5.98 19.77 -26.38
CA KCX C 59 6.47 20.95 -25.69
CB KCX C 59 6.33 22.20 -26.57
CG KCX C 59 7.34 22.28 -27.69
CD KCX C 59 7.22 23.58 -28.47
CE KCX C 59 8.30 23.71 -29.53
NZ KCX C 59 8.18 22.67 -30.61
C KCX C 59 5.75 21.16 -24.35
O KCX C 59 6.29 21.80 -23.45
CX KCX C 59 8.87 21.54 -30.55
OQ1 KCX C 59 9.65 21.33 -29.60
OQ2 KCX C 59 8.76 20.70 -31.45
N MET C 60 4.55 20.62 -24.25
CA MET C 60 3.78 20.68 -23.01
C MET C 60 4.51 19.94 -21.89
N LEU C 61 4.82 18.67 -22.13
CA LEU C 61 5.53 17.89 -21.12
C LEU C 61 6.97 18.37 -20.96
N ASN C 62 7.60 18.79 -22.06
CA ASN C 62 8.95 19.32 -21.99
C ASN C 62 9.04 20.50 -21.02
N ALA C 63 8.05 21.39 -21.06
CA ALA C 63 8.05 22.53 -20.16
C ALA C 63 7.79 22.11 -18.72
N LEU C 64 6.94 21.12 -18.50
CA LEU C 64 6.67 20.63 -17.16
C LEU C 64 7.94 20.08 -16.52
N ILE C 65 8.68 19.27 -17.26
CA ILE C 65 9.93 18.71 -16.73
C ILE C 65 10.96 19.81 -16.51
N GLY C 66 11.10 20.72 -17.49
CA GLY C 66 12.12 21.75 -17.38
C GLY C 66 11.89 22.68 -16.21
N LEU C 67 10.64 23.07 -15.97
CA LEU C 67 10.35 23.96 -14.85
C LEU C 67 10.44 23.22 -13.52
N GLU C 68 9.96 21.97 -13.48
CA GLU C 68 9.95 21.22 -12.22
C GLU C 68 11.37 20.95 -11.73
N HIS C 69 12.29 20.67 -12.64
CA HIS C 69 13.65 20.31 -12.29
C HIS C 69 14.63 21.47 -12.46
N HIS C 70 14.11 22.70 -12.55
CA HIS C 70 14.92 23.92 -12.57
C HIS C 70 15.92 23.93 -13.74
N LYS C 71 15.59 23.22 -14.82
CA LYS C 71 16.39 23.33 -16.03
C LYS C 71 16.16 24.66 -16.75
N ALA C 72 15.02 25.29 -16.50
CA ALA C 72 14.71 26.60 -17.07
C ALA C 72 13.68 27.27 -16.18
N THR C 73 13.51 28.57 -16.38
CA THR C 73 12.56 29.37 -15.62
C THR C 73 11.60 30.07 -16.57
N THR C 74 10.52 30.61 -16.00
CA THR C 74 9.54 31.36 -16.78
C THR C 74 10.04 32.74 -17.19
N THR C 75 11.03 33.27 -16.48
CA THR C 75 11.59 34.59 -16.78
C THR C 75 12.82 34.53 -17.66
N GLU C 76 13.33 33.34 -17.95
CA GLU C 76 14.50 33.21 -18.81
C GLU C 76 14.21 33.77 -20.20
N VAL C 77 15.19 34.46 -20.77
CA VAL C 77 15.09 35.00 -22.12
C VAL C 77 16.06 34.21 -23.00
N PHE C 78 15.51 33.57 -24.03
CA PHE C 78 16.31 32.76 -24.95
C PHE C 78 16.65 33.64 -26.16
N LYS C 79 17.89 34.09 -26.20
CA LYS C 79 18.32 35.00 -27.26
C LYS C 79 18.38 34.28 -28.60
N TRP C 80 18.00 35.00 -29.66
CA TRP C 80 18.02 34.42 -31.00
C TRP C 80 19.45 34.29 -31.50
N ASP C 81 19.74 33.17 -32.16
CA ASP C 81 21.11 32.86 -32.57
C ASP C 81 21.58 33.72 -33.73
N GLY C 82 20.67 34.33 -34.48
CA GLY C 82 21.03 35.05 -35.68
C GLY C 82 20.91 34.23 -36.95
N LYS C 83 20.77 32.91 -36.83
CA LYS C 83 20.65 32.04 -38.00
C LYS C 83 19.22 32.05 -38.53
N LYS C 84 19.10 31.87 -39.84
CA LYS C 84 17.80 31.87 -40.48
C LYS C 84 16.94 30.72 -39.96
N ARG C 85 15.67 31.02 -39.70
CA ARG C 85 14.73 30.05 -39.17
C ARG C 85 13.58 29.85 -40.14
N LEU C 86 12.82 28.77 -39.90
CA LEU C 86 11.68 28.46 -40.76
C LEU C 86 10.61 29.55 -40.69
N PHE C 87 10.50 30.23 -39.55
CA PHE C 87 9.49 31.24 -39.35
C PHE C 87 10.11 32.49 -38.72
N PRO C 88 9.65 33.68 -39.11
CA PRO C 88 10.21 34.90 -38.53
C PRO C 88 9.93 35.05 -37.03
N GLU C 89 8.83 34.49 -36.54
CA GLU C 89 8.56 34.54 -35.11
C GLU C 89 9.60 33.77 -34.29
N TRP C 90 10.41 32.93 -34.93
CA TRP C 90 11.47 32.21 -34.24
C TRP C 90 12.77 32.98 -34.18
N GLU C 91 12.88 34.09 -34.91
CA GLU C 91 14.10 34.90 -34.92
C GLU C 91 13.95 36.09 -33.97
N LYS C 92 13.67 35.78 -32.71
CA LYS C 92 13.45 36.80 -31.70
C LYS C 92 13.89 36.26 -30.34
N ASP C 93 14.07 37.17 -29.40
CA ASP C 93 14.25 36.77 -28.01
C ASP C 93 12.91 36.29 -27.46
N MET C 94 12.92 35.16 -26.76
CA MET C 94 11.69 34.51 -26.34
C MET C 94 11.86 33.93 -24.94
N THR C 95 10.87 34.13 -24.09
CA THR C 95 10.78 33.38 -22.86
C THR C 95 10.27 31.96 -23.15
N LEU C 96 10.33 31.11 -22.13
CA LEU C 96 9.81 29.75 -22.30
C LEU C 96 8.37 29.77 -22.77
N GLY C 97 7.60 30.74 -22.30
CA GLY C 97 6.22 30.87 -22.76
C GLY C 97 6.13 31.38 -24.18
N ASP C 98 6.97 32.37 -24.52
CA ASP C 98 6.98 32.88 -25.89
C ASP C 98 7.32 31.78 -26.89
N ALA C 99 8.31 30.95 -26.56
CA ALA C 99 8.68 29.86 -27.45
C ALA C 99 7.58 28.82 -27.55
N MET C 100 6.76 28.69 -26.50
CA MET C 100 5.62 27.77 -26.58
C MET C 100 4.57 28.29 -27.55
N LYS C 101 4.21 29.57 -27.44
CA LYS C 101 3.20 30.14 -28.32
C LYS C 101 3.67 30.10 -29.78
N ALA C 102 4.92 30.49 -30.02
CA ALA C 102 5.48 30.47 -31.37
C ALA C 102 5.91 29.08 -31.81
N SER C 103 5.91 28.10 -30.91
CA SER C 103 6.32 26.73 -31.23
C SER C 103 7.78 26.68 -31.69
N ALA C 104 8.63 27.48 -31.04
CA ALA C 104 10.05 27.54 -31.38
C ALA C 104 10.72 26.24 -30.96
N ILE C 105 10.92 25.34 -31.94
CA ILE C 105 11.56 24.05 -31.66
C ILE C 105 12.97 24.26 -31.11
N GLN C 106 13.70 25.25 -31.63
CA GLN C 106 15.09 25.43 -31.20
C GLN C 106 15.18 25.65 -29.70
N VAL C 107 14.30 26.50 -29.14
CA VAL C 107 14.36 26.80 -27.72
C VAL C 107 14.14 25.54 -26.89
N TYR C 108 13.19 24.70 -27.29
CA TYR C 108 12.89 23.50 -26.52
C TYR C 108 13.86 22.37 -26.79
N GLN C 109 14.58 22.42 -27.91
CA GLN C 109 15.71 21.51 -28.10
C GLN C 109 16.83 21.84 -27.12
N ASP C 110 17.08 23.13 -26.86
CA ASP C 110 18.04 23.48 -25.82
C ASP C 110 17.57 22.98 -24.46
N LEU C 111 16.28 23.12 -24.17
CA LEU C 111 15.75 22.63 -22.91
C LEU C 111 15.89 21.11 -22.82
N ALA C 112 15.62 20.41 -23.92
CA ALA C 112 15.79 18.96 -23.93
C ALA C 112 17.25 18.57 -23.71
N ARG C 113 18.18 19.39 -24.24
CA ARG C 113 19.60 19.13 -24.01
C ARG C 113 20.00 19.46 -22.58
N ARG C 114 19.37 20.47 -21.98
CA ARG C 114 19.63 20.76 -20.57
C ARG C 114 19.15 19.63 -19.68
N ILE C 115 17.97 19.07 -19.99
CA ILE C 115 17.40 18.01 -19.16
C ILE C 115 18.26 16.75 -19.24
N GLY C 116 18.71 16.39 -20.44
CA GLY C 116 19.54 15.21 -20.62
C GLY C 116 18.72 13.96 -20.84
N LEU C 117 19.33 12.99 -21.50
CA LEU C 117 18.62 11.77 -21.87
C LEU C 117 18.13 11.01 -20.64
N GLU C 118 18.93 10.99 -19.58
CA GLU C 118 18.55 10.25 -18.38
C GLU C 118 17.28 10.81 -17.75
N LEU C 119 17.29 12.11 -17.43
CA LEU C 119 16.11 12.73 -16.84
C LEU C 119 14.94 12.75 -17.81
N MET C 120 15.21 12.99 -19.10
CA MET C 120 14.16 12.95 -20.10
C MET C 120 13.50 11.57 -20.15
N SER C 121 14.31 10.51 -20.19
CA SER C 121 13.77 9.15 -20.24
C SER C 121 13.07 8.80 -18.92
N LYS C 122 13.65 9.22 -17.79
CA LYS C 122 13.07 8.90 -16.50
C LYS C 122 11.71 9.58 -16.32
N GLU C 123 11.63 10.86 -16.65
CA GLU C 123 10.38 11.60 -16.44
C GLU C 123 9.29 11.14 -17.41
N VAL C 124 9.68 10.81 -18.64
CA VAL C 124 8.69 10.34 -19.62
C VAL C 124 8.10 9.00 -19.17
N LYS C 125 8.94 8.12 -18.63
CA LYS C 125 8.44 6.85 -18.11
C LYS C 125 7.63 7.06 -16.84
N ARG C 126 8.11 7.94 -15.95
CA ARG C 126 7.38 8.21 -14.71
C ARG C 126 5.98 8.75 -15.00
N VAL C 127 5.85 9.60 -16.01
CA VAL C 127 4.56 10.16 -16.36
C VAL C 127 3.73 9.16 -17.16
N GLY C 128 4.38 8.32 -17.97
CA GLY C 128 3.65 7.40 -18.83
C GLY C 128 3.15 8.06 -20.10
N TYR C 129 3.94 8.92 -20.71
CA TYR C 129 3.53 9.66 -21.90
C TYR C 129 3.65 8.76 -23.12
N GLY C 130 2.51 8.43 -23.72
CA GLY C 130 2.52 7.62 -24.93
C GLY C 130 3.16 6.27 -24.67
N ASN C 131 4.04 5.86 -25.59
CA ASN C 131 4.81 4.63 -25.41
C ASN C 131 6.03 4.81 -24.52
N ALA C 132 6.32 6.05 -24.11
CA ALA C 132 7.41 6.33 -23.16
C ALA C 132 8.76 5.85 -23.68
N ASP C 133 8.96 5.87 -24.99
CA ASP C 133 10.19 5.41 -25.63
C ASP C 133 10.82 6.58 -26.37
N ILE C 134 11.87 7.17 -25.81
CA ILE C 134 12.51 8.34 -26.41
C ILE C 134 13.81 7.99 -27.14
N GLY C 135 14.22 6.72 -27.13
CA GLY C 135 15.41 6.34 -27.86
C GLY C 135 16.67 6.93 -27.26
N THR C 136 17.58 7.37 -28.14
CA THR C 136 18.88 7.88 -27.73
C THR C 136 19.14 9.33 -28.10
N GLN C 137 18.33 9.92 -28.98
CA GLN C 137 18.50 11.30 -29.40
C GLN C 137 17.52 12.18 -28.65
N VAL C 138 18.04 13.10 -27.81
CA VAL C 138 17.18 13.93 -26.97
C VAL C 138 16.61 15.14 -27.68
N ASP C 139 17.02 15.41 -28.93
CA ASP C 139 16.59 16.61 -29.61
C ASP C 139 15.57 16.37 -30.72
N ASN C 140 15.21 15.12 -31.02
CA ASN C 140 14.25 14.88 -32.09
C ASN C 140 13.36 13.65 -31.85
N PHE C 141 13.34 13.11 -30.63
CA PHE C 141 12.57 11.89 -30.40
C PHE C 141 11.07 12.12 -30.49
N TRP C 142 10.61 13.36 -30.31
CA TRP C 142 9.20 13.67 -30.44
C TRP C 142 8.82 14.06 -31.86
N LEU C 143 9.79 14.39 -32.70
CA LEU C 143 9.50 14.73 -34.10
C LEU C 143 9.63 13.52 -35.00
N VAL C 144 10.73 12.76 -34.88
CA VAL C 144 10.93 11.56 -35.67
C VAL C 144 11.31 10.35 -34.84
N GLY C 145 11.76 10.50 -33.60
CA GLY C 145 12.23 9.40 -32.80
C GLY C 145 11.15 8.41 -32.43
N PRO C 146 11.49 7.47 -31.54
CA PRO C 146 10.55 6.38 -31.25
C PRO C 146 9.36 6.79 -30.41
N LEU C 147 9.37 7.99 -29.83
CA LEU C 147 8.25 8.43 -29.01
C LEU C 147 7.01 8.60 -29.87
N LYS C 148 5.98 7.82 -29.59
CA LYS C 148 4.71 7.92 -30.27
C LYS C 148 3.60 8.05 -29.23
N ILE C 149 2.56 8.79 -29.60
CA ILE C 149 1.40 8.97 -28.72
C ILE C 149 0.14 8.93 -29.57
N THR C 150 -0.92 8.32 -29.02
CA THR C 150 -2.28 8.15 -29.52
C THR C 150 -3.13 9.37 -29.19
N PRO C 151 -3.98 9.81 -30.12
CA PRO C 151 -4.82 10.99 -29.85
C PRO C 151 -5.64 10.87 -28.58
N GLN C 152 -6.10 9.67 -28.23
CA GLN C 152 -6.77 9.47 -26.94
C GLN C 152 -5.84 9.75 -25.79
N GLN C 153 -4.58 9.30 -25.88
CA GLN C 153 -3.61 9.58 -24.81
C GLN C 153 -3.33 11.07 -24.69
N GLU C 154 -3.45 11.81 -25.79
CA GLU C 154 -3.21 13.26 -25.75
C GLU C 154 -4.34 13.97 -25.01
N ALA C 155 -5.59 13.56 -25.25
CA ALA C 155 -6.71 14.19 -24.58
C ALA C 155 -6.69 13.93 -23.08
N GLN C 156 -6.38 12.70 -22.68
CA GLN C 156 -6.26 12.40 -21.25
C GLN C 156 -5.13 13.20 -20.61
N PHE C 157 -4.02 13.36 -21.34
CA PHE C 157 -2.91 14.16 -20.84
C PHE C 157 -3.33 15.60 -20.63
N ALA C 158 -4.05 16.16 -21.60
CA ALA C 158 -4.53 17.54 -21.46
C ALA C 158 -5.52 17.67 -20.32
N TYR C 159 -6.40 16.67 -20.16
CA TYR C 159 -7.36 16.69 -19.06
C TYR C 159 -6.65 16.66 -17.72
N LYS C 160 -5.56 15.88 -17.61
CA LYS C 160 -4.81 15.82 -16.37
C LYS C 160 -4.11 17.14 -16.08
N LEU C 161 -3.52 17.76 -17.11
CA LEU C 161 -2.88 19.06 -16.92
C LEU C 161 -3.91 20.13 -16.59
N ALA C 162 -5.10 20.05 -17.19
CA ALA C 162 -6.15 21.02 -16.91
C ALA C 162 -6.60 20.92 -15.46
N ASN C 163 -6.71 19.70 -14.93
CA ASN C 163 -7.12 19.48 -13.55
C ASN C 163 -5.95 19.41 -12.59
N LYS C 164 -4.72 19.64 -13.07
CA LYS C 164 -3.52 19.59 -12.23
C LYS C 164 -3.36 18.23 -11.56
N THR C 165 -3.62 17.18 -12.33
CA THR C 165 -3.55 15.81 -11.84
C THR C 165 -2.23 15.13 -12.23
N LEU C 166 -1.45 15.76 -13.11
CA LEU C 166 -0.14 15.23 -13.49
C LEU C 166 0.81 15.19 -12.29
N PRO C 167 1.78 14.26 -12.28
CA PRO C 167 2.72 14.12 -11.15
C PRO C 167 3.80 15.19 -11.12
N PHE C 168 3.38 16.46 -11.20
CA PHE C 168 4.29 17.59 -11.11
C PHE C 168 3.76 18.56 -10.06
N SER C 169 4.62 19.46 -9.62
CA SER C 169 4.20 20.46 -8.64
C SER C 169 3.11 21.35 -9.23
N GLN C 170 2.28 21.89 -8.35
CA GLN C 170 1.16 22.71 -8.80
C GLN C 170 1.65 24.00 -9.45
N LYS C 171 2.76 24.55 -8.98
CA LYS C 171 3.29 25.77 -9.58
C LYS C 171 3.70 25.54 -11.03
N VAL C 172 4.38 24.43 -11.30
CA VAL C 172 4.82 24.14 -12.66
C VAL C 172 3.64 23.89 -13.58
N GLN C 173 2.66 23.11 -13.11
CA GLN C 173 1.48 22.83 -13.91
C GLN C 173 0.68 24.10 -14.18
N ASP C 174 0.59 24.99 -13.19
CA ASP C 174 -0.08 26.27 -13.41
C ASP C 174 0.71 27.15 -14.37
N GLU C 175 2.03 27.04 -14.37
CA GLU C 175 2.85 27.87 -15.25
C GLU C 175 2.71 27.44 -16.71
N VAL C 176 2.80 26.14 -16.97
CA VAL C 176 2.63 25.64 -18.34
C VAL C 176 1.21 25.90 -18.82
N GLN C 177 0.23 25.81 -17.91
CA GLN C 177 -1.15 26.11 -18.27
C GLN C 177 -1.27 27.51 -18.87
N SER C 178 -0.70 28.51 -18.18
CA SER C 178 -0.76 29.88 -18.69
C SER C 178 -0.02 30.01 -20.01
N MET C 179 1.00 29.18 -20.22
CA MET C 179 1.76 29.23 -21.47
C MET C 179 0.90 28.80 -22.66
N LEU C 180 -0.11 27.97 -22.41
CA LEU C 180 -0.94 27.40 -23.46
C LEU C 180 -2.25 28.16 -23.66
N PHE C 181 -2.48 29.23 -22.90
CA PHE C 181 -3.73 29.97 -23.03
C PHE C 181 -3.80 30.66 -24.39
N ILE C 182 -4.94 30.51 -25.07
CA ILE C 182 -5.13 31.12 -26.38
C ILE C 182 -6.01 32.35 -26.25
N GLU C 183 -7.27 32.14 -25.87
CA GLU C 183 -8.24 33.21 -25.82
C GLU C 183 -9.40 32.80 -24.92
N GLU C 184 -10.28 33.75 -24.66
CA GLU C 184 -11.51 33.54 -23.90
C GLU C 184 -12.67 33.91 -24.82
N LYS C 185 -13.29 32.91 -25.44
CA LYS C 185 -14.37 33.12 -26.40
C LYS C 185 -15.70 32.84 -25.72
N ASN C 186 -16.48 33.89 -25.48
CA ASN C 186 -17.84 33.78 -24.95
C ASN C 186 -17.84 33.12 -23.57
N GLY C 187 -16.89 33.50 -22.72
CA GLY C 187 -16.81 32.98 -21.37
C GLY C 187 -16.05 31.67 -21.23
N ASN C 188 -15.69 31.03 -22.33
CA ASN C 188 -14.95 29.77 -22.30
C ASN C 188 -13.48 30.05 -22.51
N LYS C 189 -12.66 29.67 -21.53
CA LYS C 189 -11.21 29.80 -21.66
C LYS C 189 -10.67 28.64 -22.50
N ILE C 190 -9.86 28.96 -23.51
CA ILE C 190 -9.35 27.97 -24.44
C ILE C 190 -7.83 27.88 -24.30
N TYR C 191 -7.34 26.68 -24.07
CA TYR C 191 -5.92 26.38 -24.04
C TYR C 191 -5.66 25.27 -25.05
N ALA C 192 -4.60 25.41 -25.84
CA ALA C 192 -4.24 24.36 -26.79
C ALA C 192 -2.85 24.62 -27.35
N LYS C 193 -2.27 23.56 -27.89
CA LYS C 193 -0.95 23.58 -28.51
C LYS C 193 -1.03 22.83 -29.83
N SER C 194 -0.78 23.53 -30.93
CA SER C 194 -0.82 22.89 -32.23
C SER C 194 0.45 22.08 -32.48
N GLY C 195 0.33 21.08 -33.33
CA GLY C 195 1.47 20.25 -33.68
C GLY C 195 1.40 19.82 -35.13
N TRP C 196 2.59 19.62 -35.71
CA TRP C 196 2.68 19.22 -37.12
C TRP C 196 4.05 18.60 -37.35
N GLY C 197 4.09 17.28 -37.52
CA GLY C 197 5.33 16.61 -37.85
C GLY C 197 5.42 16.29 -39.33
N TRP C 198 6.09 17.13 -40.10
CA TRP C 198 6.20 16.93 -41.54
C TRP C 198 7.40 16.10 -41.94
N ASP C 199 8.39 15.94 -41.07
CA ASP C 199 9.56 15.12 -41.37
C ASP C 199 9.28 13.63 -41.27
N VAL C 200 8.02 13.25 -41.04
CA VAL C 200 7.60 11.86 -41.04
C VAL C 200 6.56 11.67 -42.13
N ASN C 201 6.61 10.52 -42.81
CA ASN C 201 5.68 10.22 -43.89
C ASN C 201 4.78 9.07 -43.47
N PRO C 202 3.45 9.26 -43.43
CA PRO C 202 2.80 10.53 -43.77
C PRO C 202 2.81 11.52 -42.61
N GLN C 203 2.75 12.81 -42.93
CA GLN C 203 2.78 13.86 -41.92
C GLN C 203 1.54 13.77 -41.04
N VAL C 204 1.67 14.30 -39.81
CA VAL C 204 0.60 14.29 -38.83
C VAL C 204 0.32 15.72 -38.37
N GLY C 205 -0.96 16.02 -38.15
CA GLY C 205 -1.37 17.32 -37.66
C GLY C 205 -2.02 17.17 -36.30
N TRP C 206 -1.69 18.06 -35.38
CA TRP C 206 -2.13 17.98 -34.00
C TRP C 206 -2.81 19.26 -33.57
N LEU C 207 -3.75 19.13 -32.63
CA LEU C 207 -4.32 20.29 -31.94
C LEU C 207 -4.95 19.77 -30.64
N THR C 208 -4.16 19.80 -29.57
CA THR C 208 -4.56 19.27 -28.27
C THR C 208 -4.70 20.40 -27.27
N GLY C 209 -5.76 20.36 -26.47
CA GLY C 209 -5.98 21.35 -25.44
C GLY C 209 -7.21 21.09 -24.61
N TRP C 210 -7.83 22.15 -24.09
CA TRP C 210 -9.04 22.01 -23.29
C TRP C 210 -9.74 23.35 -23.20
N VAL C 211 -11.01 23.30 -22.83
CA VAL C 211 -11.85 24.48 -22.66
C VAL C 211 -12.35 24.53 -21.23
N VAL C 212 -12.35 25.72 -20.64
CA VAL C 212 -12.84 25.94 -19.29
C VAL C 212 -14.12 26.77 -19.40
N GLN C 213 -15.26 26.11 -19.34
CA GLN C 213 -16.54 26.77 -19.46
C GLN C 213 -16.82 27.63 -18.23
N PRO C 214 -17.77 28.56 -18.32
CA PRO C 214 -17.98 29.51 -17.21
C PRO C 214 -18.26 28.86 -15.87
N GLN C 215 -18.97 27.74 -15.83
CA GLN C 215 -19.24 27.06 -14.56
C GLN C 215 -18.04 26.25 -14.06
N GLY C 216 -16.90 26.31 -14.76
CA GLY C 216 -15.72 25.59 -14.35
C GLY C 216 -15.56 24.21 -14.95
N ASN C 217 -16.59 23.70 -15.64
CA ASN C 217 -16.48 22.39 -16.28
C ASN C 217 -15.33 22.37 -17.27
N ILE C 218 -14.57 21.28 -17.26
CA ILE C 218 -13.39 21.13 -18.11
C ILE C 218 -13.71 20.12 -19.21
N VAL C 219 -13.41 20.49 -20.45
CA VAL C 219 -13.62 19.64 -21.61
C VAL C 219 -12.32 19.61 -22.41
N ALA C 220 -11.62 18.49 -22.37
CA ALA C 220 -10.36 18.34 -23.10
C ALA C 220 -10.62 17.84 -24.51
N PHE C 221 -9.67 18.11 -25.40
CA PHE C 221 -9.79 17.72 -26.80
C PHE C 221 -8.42 17.46 -27.39
N SER C 222 -8.41 16.75 -28.51
CA SER C 222 -7.18 16.49 -29.26
C SER C 222 -7.56 16.21 -30.70
N LEU C 223 -7.22 17.14 -31.60
CA LEU C 223 -7.43 16.94 -33.02
C LEU C 223 -6.19 16.26 -33.61
N ASN C 224 -6.43 15.20 -34.38
CA ASN C 224 -5.37 14.47 -35.07
C ASN C 224 -5.80 14.22 -36.50
N LEU C 225 -5.05 14.74 -37.46
CA LEU C 225 -5.40 14.62 -38.87
C LEU C 225 -4.16 14.31 -39.70
N GLU C 226 -4.41 13.79 -40.90
CA GLU C 226 -3.35 13.47 -41.85
C GLU C 226 -3.08 14.72 -42.69
N MET C 227 -1.90 15.32 -42.50
CA MET C 227 -1.54 16.56 -43.18
C MET C 227 -1.15 16.20 -44.61
N LYS C 228 -2.13 16.30 -45.51
CA LYS C 228 -1.87 16.05 -46.92
C LYS C 228 -1.17 17.24 -47.56
N LYS C 229 -0.63 17.03 -48.75
CA LYS C 229 0.03 18.10 -49.48
C LYS C 229 -0.99 19.15 -49.90
N GLY C 230 -0.66 20.43 -49.66
CA GLY C 230 -1.52 21.53 -50.03
C GLY C 230 -2.61 21.86 -49.04
N ILE C 231 -2.86 21.00 -48.06
CA ILE C 231 -3.85 21.30 -47.03
C ILE C 231 -3.36 22.50 -46.21
N PRO C 232 -4.23 23.44 -45.85
CA PRO C 232 -3.78 24.58 -45.03
C PRO C 232 -3.58 24.22 -43.58
N SER C 233 -2.61 24.89 -42.96
CA SER C 233 -2.33 24.68 -41.54
C SER C 233 -3.42 25.26 -40.64
N SER C 234 -4.14 26.29 -41.11
CA SER C 234 -5.26 26.82 -40.36
C SER C 234 -6.42 25.84 -40.25
N VAL C 235 -6.42 24.81 -41.10
CA VAL C 235 -7.47 23.79 -41.05
C VAL C 235 -7.62 23.23 -39.64
N ARG C 236 -6.53 22.76 -39.03
CA ARG C 236 -6.55 22.25 -37.67
C ARG C 236 -7.39 23.13 -36.72
N LYS C 237 -7.02 24.40 -36.58
CA LYS C 237 -7.78 25.29 -35.72
C LYS C 237 -9.22 25.43 -36.19
N GLU C 238 -9.46 25.30 -37.50
CA GLU C 238 -10.80 25.50 -38.03
C GLU C 238 -11.77 24.39 -37.61
N ILE C 239 -11.43 23.10 -37.86
CA ILE C 239 -12.36 22.05 -37.45
C ILE C 239 -12.52 22.03 -35.94
N THR C 240 -11.45 22.28 -35.18
CA THR C 240 -11.54 22.20 -33.73
C THR C 240 -12.56 23.20 -33.19
N TYR C 241 -12.41 24.47 -33.56
CA TYR C 241 -13.33 25.49 -33.04
C TYR C 241 -14.75 25.26 -33.56
N LYS C 242 -14.89 24.93 -34.83
CA LYS C 242 -16.22 24.68 -35.38
C LYS C 242 -16.88 23.48 -34.71
N SER C 243 -16.09 22.44 -34.43
CA SER C 243 -16.64 21.24 -33.78
C SER C 243 -17.11 21.55 -32.37
N LEU C 244 -16.24 22.17 -31.56
CA LEU C 244 -16.62 22.49 -30.18
C LEU C 244 -17.78 23.46 -30.14
N GLU C 245 -17.85 24.39 -31.10
CA GLU C 245 -18.99 25.30 -31.16
C GLU C 245 -20.26 24.55 -31.50
N GLN C 246 -20.22 23.69 -32.53
CA GLN C 246 -21.38 22.90 -32.89
C GLN C 246 -21.74 21.88 -31.83
N LEU C 247 -20.78 21.48 -30.99
CA LEU C 247 -21.02 20.53 -29.91
C LEU C 247 -21.41 21.20 -28.60
N GLY C 248 -21.61 22.51 -28.61
CA GLY C 248 -22.01 23.22 -27.41
C GLY C 248 -20.93 23.44 -26.38
N ILE C 249 -19.71 22.96 -26.62
CA ILE C 249 -18.62 23.18 -25.67
C ILE C 249 -18.16 24.63 -25.68
N LEU C 250 -18.34 25.33 -26.80
CA LEU C 250 -17.97 26.73 -26.88
C LEU C 250 -19.20 27.63 -26.98
N LYS D 13 3.74 -39.85 18.76
CA LYS D 13 2.99 -38.90 19.56
C LYS D 13 3.49 -38.87 21.00
N ALA D 14 2.88 -38.01 21.82
CA ALA D 14 3.26 -37.83 23.22
C ALA D 14 1.99 -37.78 24.07
N GLU D 15 1.47 -38.98 24.42
CA GLU D 15 0.34 -39.06 25.33
C GLU D 15 0.75 -38.91 26.79
N LYS D 16 2.04 -39.12 27.10
CA LYS D 16 2.49 -38.98 28.48
C LYS D 16 2.36 -37.54 28.97
N ILE D 17 2.44 -36.57 28.06
CA ILE D 17 2.26 -35.18 28.46
C ILE D 17 0.89 -34.96 29.09
N LYS D 18 -0.14 -35.59 28.52
CA LYS D 18 -1.46 -35.54 29.13
C LYS D 18 -1.45 -36.20 30.50
N ASN D 19 -0.71 -37.30 30.64
CA ASN D 19 -0.60 -37.96 31.93
C ASN D 19 0.24 -37.15 32.91
N LEU D 20 1.23 -36.41 32.41
CA LEU D 20 2.08 -35.60 33.29
C LEU D 20 1.24 -34.57 34.05
N PHE D 21 0.42 -33.81 33.33
CA PHE D 21 -0.49 -32.88 34.00
C PHE D 21 -1.60 -33.63 34.75
N ASN D 22 -1.95 -34.83 34.28
CA ASN D 22 -2.90 -35.65 35.03
C ASN D 22 -2.31 -36.09 36.36
N GLU D 23 -1.07 -36.59 36.33
CA GLU D 23 -0.40 -37.00 37.56
C GLU D 23 -0.17 -35.84 38.50
N ALA D 24 -0.26 -34.60 38.01
CA ALA D 24 -0.17 -33.41 38.84
C ALA D 24 -1.50 -33.04 39.48
N HIS D 25 -2.57 -33.78 39.19
CA HIS D 25 -3.87 -33.56 39.81
C HIS D 25 -4.43 -32.18 39.47
N THR D 26 -4.37 -31.83 38.19
CA THR D 26 -4.89 -30.56 37.70
C THR D 26 -5.20 -30.69 36.22
N THR D 27 -5.89 -29.68 35.70
CA THR D 27 -6.27 -29.62 34.29
C THR D 27 -5.47 -28.52 33.62
N GLY D 28 -4.82 -28.84 32.51
CA GLY D 28 -3.97 -27.86 31.86
C GLY D 28 -3.58 -28.23 30.44
N VAL D 29 -2.91 -27.29 29.80
CA VAL D 29 -2.49 -27.42 28.41
C VAL D 29 -1.11 -26.77 28.25
N LEU D 30 -0.34 -27.26 27.29
CA LEU D 30 0.96 -26.70 26.94
C LEU D 30 1.02 -26.49 25.43
N VAL D 31 1.20 -25.24 25.01
CA VAL D 31 1.25 -24.89 23.60
C VAL D 31 2.71 -24.69 23.21
N ILE D 32 3.11 -25.29 22.09
CA ILE D 32 4.47 -25.19 21.56
C ILE D 32 4.39 -24.60 20.17
N GLN D 33 5.26 -23.63 19.88
CA GLN D 33 5.32 -23.01 18.56
C GLN D 33 6.73 -23.17 17.99
N GLN D 34 6.81 -23.81 16.83
CA GLN D 34 8.04 -23.89 16.05
C GLN D 34 7.76 -23.35 14.66
N GLY D 35 8.55 -22.38 14.23
CA GLY D 35 8.23 -21.71 12.98
C GLY D 35 6.92 -20.96 13.13
N GLN D 36 5.95 -21.27 12.26
CA GLN D 36 4.62 -20.70 12.34
C GLN D 36 3.56 -21.76 12.66
N THR D 37 3.98 -22.90 13.21
CA THR D 37 3.08 -24.00 13.53
C THR D 37 3.05 -24.21 15.03
N GLN D 38 1.84 -24.44 15.57
CA GLN D 38 1.65 -24.63 17.00
C GLN D 38 1.00 -25.99 17.26
N GLN D 39 1.36 -26.59 18.40
CA GLN D 39 0.79 -27.85 18.85
C GLN D 39 0.50 -27.75 20.34
N SER D 40 -0.58 -28.43 20.76
CA SER D 40 -1.04 -28.36 22.14
C SER D 40 -0.97 -29.75 22.78
N TYR D 41 -0.63 -29.78 24.06
CA TYR D 41 -0.54 -31.02 24.82
C TYR D 41 -1.09 -30.78 26.23
N GLY D 42 -1.52 -31.86 26.87
CA GLY D 42 -2.11 -31.82 28.19
C GLY D 42 -3.40 -32.60 28.22
N ASN D 43 -4.18 -32.40 29.27
CA ASN D 43 -5.47 -33.08 29.41
C ASN D 43 -6.65 -32.20 29.03
N ASP D 44 -6.53 -30.89 29.17
CA ASP D 44 -7.60 -29.94 28.83
C ASP D 44 -7.12 -29.11 27.64
N LEU D 45 -7.26 -29.68 26.44
CA LEU D 45 -6.86 -28.99 25.22
C LEU D 45 -7.72 -27.76 24.93
N ALA D 46 -8.94 -27.71 25.47
CA ALA D 46 -9.80 -26.55 25.23
C ALA D 46 -9.23 -25.27 25.83
N ARG D 47 -8.36 -25.38 26.83
CA ARG D 47 -7.72 -24.20 27.40
C ARG D 47 -6.85 -23.47 26.40
N ALA D 48 -6.42 -24.16 25.33
CA ALA D 48 -5.51 -23.53 24.37
C ALA D 48 -6.16 -22.34 23.67
N SER D 49 -7.48 -22.33 23.55
CA SER D 49 -8.19 -21.27 22.84
C SER D 49 -9.09 -20.45 23.75
N THR D 50 -8.86 -20.49 25.06
CA THR D 50 -9.67 -19.77 26.02
C THR D 50 -8.89 -18.60 26.60
N GLU D 51 -9.61 -17.51 26.87
CA GLU D 51 -9.00 -16.27 27.36
C GLU D 51 -8.86 -16.31 28.87
N TYR D 52 -7.65 -16.02 29.36
CA TYR D 52 -7.36 -15.89 30.78
C TYR D 52 -6.57 -14.61 31.00
N VAL D 53 -6.59 -14.14 32.25
CA VAL D 53 -5.80 -12.95 32.58
C VAL D 53 -4.32 -13.26 32.45
N PRO D 54 -3.51 -12.36 31.87
CA PRO D 54 -2.08 -12.67 31.72
C PRO D 54 -1.34 -12.72 33.04
N ALA D 55 -1.80 -11.99 34.05
CA ALA D 55 -1.18 -11.95 35.38
C ALA D 55 0.27 -11.49 35.21
N SER D 56 1.25 -12.17 35.82
CA SER D 56 2.61 -11.64 35.80
C SER D 56 3.26 -11.74 34.42
N THR D 57 2.72 -12.56 33.52
CA THR D 57 3.29 -12.68 32.19
C THR D 57 3.08 -11.42 31.34
N PHE D 58 2.20 -10.51 31.76
CA PHE D 58 2.04 -9.25 31.06
C PHE D 58 3.30 -8.40 31.19
N KCX D 59 4.06 -8.63 32.26
CA KCX D 59 5.30 -7.91 32.53
CB KCX D 59 6.05 -8.51 33.73
CG KCX D 59 5.44 -8.19 35.10
CD KCX D 59 6.22 -8.88 36.22
CE KCX D 59 5.75 -8.45 37.61
NZ KCX D 59 4.39 -8.99 37.82
C KCX D 59 6.23 -7.89 31.31
O KCX D 59 6.98 -6.92 31.11
CX KCX D 59 3.33 -8.21 37.73
OQ1 KCX D 59 2.21 -8.69 37.90
OQ2 KCX D 59 3.48 -7.00 37.49
N MET D 60 6.19 -8.95 30.51
CA MET D 60 6.95 -9.00 29.26
C MET D 60 6.65 -7.78 28.40
N LEU D 61 5.36 -7.54 28.14
CA LEU D 61 4.96 -6.39 27.34
C LEU D 61 5.09 -5.10 28.14
N ASN D 62 4.80 -5.13 29.45
CA ASN D 62 4.94 -3.94 30.28
C ASN D 62 6.36 -3.38 30.23
N ALA D 63 7.36 -4.26 30.30
CA ALA D 63 8.74 -3.80 30.21
C ALA D 63 9.04 -3.22 28.83
N LEU D 64 8.47 -3.81 27.78
CA LEU D 64 8.68 -3.30 26.43
C LEU D 64 8.15 -1.88 26.28
N ILE D 65 6.93 -1.64 26.79
CA ILE D 65 6.34 -0.32 26.68
C ILE D 65 7.12 0.70 27.49
N GLY D 66 7.52 0.33 28.72
CA GLY D 66 8.21 1.28 29.57
C GLY D 66 9.58 1.68 29.03
N LEU D 67 10.31 0.72 28.46
CA LEU D 67 11.63 1.02 27.93
C LEU D 67 11.55 1.73 26.58
N GLU D 68 10.62 1.31 25.72
CA GLU D 68 10.52 1.90 24.39
C GLU D 68 10.23 3.39 24.44
N HIS D 69 9.39 3.81 25.39
CA HIS D 69 8.98 5.20 25.50
C HIS D 69 9.71 5.93 26.63
N HIS D 70 10.83 5.39 27.10
CA HIS D 70 11.68 6.04 28.09
C HIS D 70 10.95 6.37 29.39
N LYS D 71 9.91 5.59 29.71
CA LYS D 71 9.24 5.74 31.00
C LYS D 71 10.07 5.14 32.13
N ALA D 72 11.02 4.25 31.81
CA ALA D 72 11.94 3.70 32.78
C ALA D 72 13.21 3.29 32.03
N THR D 73 14.25 3.00 32.80
CA THR D 73 15.54 2.60 32.22
C THR D 73 15.96 1.26 32.81
N THR D 74 16.97 0.66 32.18
CA THR D 74 17.48 -0.62 32.63
C THR D 74 18.41 -0.50 33.82
N THR D 75 19.00 0.67 34.04
CA THR D 75 19.89 0.88 35.18
C THR D 75 19.19 1.56 36.35
N GLU D 76 17.96 2.03 36.17
CA GLU D 76 17.21 2.61 37.27
C GLU D 76 16.93 1.55 38.33
N VAL D 77 17.12 1.93 39.60
CA VAL D 77 16.85 1.05 40.73
C VAL D 77 15.61 1.55 41.44
N PHE D 78 14.64 0.66 41.63
CA PHE D 78 13.37 1.00 42.28
C PHE D 78 13.53 0.69 43.76
N LYS D 79 13.76 1.74 44.55
CA LYS D 79 14.01 1.58 45.98
C LYS D 79 12.77 1.04 46.69
N TRP D 80 13.01 0.15 47.66
CA TRP D 80 11.90 -0.41 48.42
C TRP D 80 11.35 0.63 49.38
N ASP D 81 10.02 0.72 49.42
CA ASP D 81 9.36 1.76 50.20
C ASP D 81 9.39 1.49 51.70
N GLY D 82 9.62 0.25 52.12
CA GLY D 82 9.64 -0.10 53.52
C GLY D 82 8.42 -0.87 53.99
N LYS D 83 7.34 -0.90 53.21
CA LYS D 83 6.17 -1.67 53.57
C LYS D 83 6.42 -3.15 53.32
N LYS D 84 5.84 -3.98 54.18
CA LYS D 84 6.01 -5.42 54.04
C LYS D 84 5.33 -5.92 52.77
N ARG D 85 5.95 -6.91 52.13
CA ARG D 85 5.43 -7.49 50.90
C ARG D 85 5.15 -8.97 51.09
N LEU D 86 4.46 -9.54 50.10
CA LEU D 86 4.08 -10.94 50.19
C LEU D 86 5.29 -11.87 50.19
N PHE D 87 6.37 -11.47 49.52
CA PHE D 87 7.56 -12.28 49.37
C PHE D 87 8.78 -11.50 49.79
N PRO D 88 9.81 -12.17 50.33
CA PRO D 88 11.00 -11.43 50.77
C PRO D 88 11.82 -10.88 49.62
N GLU D 89 11.75 -11.50 48.44
CA GLU D 89 12.43 -10.97 47.27
C GLU D 89 11.85 -9.63 46.82
N TRP D 90 10.67 -9.25 47.32
CA TRP D 90 10.05 -7.99 46.97
C TRP D 90 10.41 -6.86 47.93
N GLU D 91 10.97 -7.17 49.09
CA GLU D 91 11.33 -6.16 50.08
C GLU D 91 12.81 -5.80 49.96
N LYS D 92 13.17 -5.24 48.81
CA LYS D 92 14.56 -4.87 48.54
C LYS D 92 14.60 -3.87 47.39
N ASP D 93 15.67 -3.09 47.35
CA ASP D 93 15.91 -2.23 46.20
C ASP D 93 16.22 -3.08 44.97
N MET D 94 15.64 -2.72 43.84
CA MET D 94 15.67 -3.60 42.68
C MET D 94 15.69 -2.80 41.38
N THR D 95 16.50 -3.29 40.44
CA THR D 95 16.50 -2.81 39.07
C THR D 95 15.31 -3.41 38.33
N LEU D 96 14.84 -2.70 37.30
CA LEU D 96 13.75 -3.20 36.45
C LEU D 96 13.97 -4.64 36.05
N GLY D 97 15.22 -5.01 35.71
CA GLY D 97 15.51 -6.40 35.38
C GLY D 97 15.35 -7.33 36.57
N ASP D 98 15.79 -6.88 37.75
CA ASP D 98 15.59 -7.67 38.96
C ASP D 98 14.11 -7.88 39.24
N ALA D 99 13.30 -6.86 39.00
CA ALA D 99 11.86 -6.99 39.23
C ALA D 99 11.24 -8.04 38.31
N MET D 100 11.80 -8.23 37.12
CA MET D 100 11.27 -9.22 36.20
C MET D 100 11.48 -10.63 36.75
N LYS D 101 12.70 -10.92 37.21
CA LYS D 101 12.99 -12.25 37.75
C LYS D 101 12.19 -12.50 39.03
N ALA D 102 12.15 -11.52 39.94
CA ALA D 102 11.43 -11.66 41.18
C ALA D 102 9.92 -11.48 41.02
N SER D 103 9.46 -11.02 39.86
CA SER D 103 8.03 -10.82 39.59
C SER D 103 7.44 -9.80 40.54
N ALA D 104 8.14 -8.68 40.70
CA ALA D 104 7.74 -7.62 41.63
C ALA D 104 6.57 -6.86 41.04
N ILE D 105 5.38 -7.07 41.61
CA ILE D 105 4.18 -6.39 41.14
C ILE D 105 4.29 -4.88 41.39
N GLN D 106 4.89 -4.49 42.52
CA GLN D 106 4.94 -3.09 42.89
C GLN D 106 5.79 -2.28 41.92
N VAL D 107 6.90 -2.85 41.45
CA VAL D 107 7.79 -2.12 40.55
C VAL D 107 7.08 -1.84 39.22
N TYR D 108 6.39 -2.84 38.69
CA TYR D 108 5.74 -2.68 37.39
C TYR D 108 4.43 -1.90 37.49
N GLN D 109 3.81 -1.84 38.67
CA GLN D 109 2.69 -0.92 38.87
C GLN D 109 3.18 0.51 38.84
N ASP D 110 4.34 0.78 39.43
CA ASP D 110 4.96 2.09 39.30
C ASP D 110 5.23 2.42 37.84
N LEU D 111 5.79 1.47 37.10
CA LEU D 111 6.05 1.68 35.68
C LEU D 111 4.77 1.92 34.90
N ALA D 112 3.72 1.16 35.21
CA ALA D 112 2.44 1.36 34.53
C ALA D 112 1.88 2.75 34.78
N ARG D 113 2.13 3.30 35.97
CA ARG D 113 1.66 4.65 36.26
C ARG D 113 2.47 5.71 35.52
N ARG D 114 3.76 5.45 35.28
CA ARG D 114 4.56 6.37 34.48
C ARG D 114 4.08 6.39 33.03
N ILE D 115 3.79 5.22 32.47
CA ILE D 115 3.32 5.15 31.09
C ILE D 115 1.97 5.82 30.95
N GLY D 116 1.06 5.53 31.87
CA GLY D 116 -0.28 6.09 31.80
C GLY D 116 -1.22 5.23 30.98
N LEU D 117 -2.50 5.32 31.31
CA LEU D 117 -3.50 4.50 30.63
C LEU D 117 -3.61 4.84 29.16
N GLU D 118 -3.42 6.12 28.80
CA GLU D 118 -3.56 6.54 27.42
C GLU D 118 -2.52 5.85 26.52
N LEU D 119 -1.25 5.98 26.87
CA LEU D 119 -0.19 5.35 26.08
C LEU D 119 -0.25 3.83 26.20
N MET D 120 -0.56 3.31 27.39
CA MET D 120 -0.63 1.87 27.59
C MET D 120 -1.67 1.24 26.67
N SER D 121 -2.87 1.82 26.63
CA SER D 121 -3.94 1.25 25.81
C SER D 121 -3.59 1.31 24.33
N LYS D 122 -2.95 2.40 23.89
CA LYS D 122 -2.58 2.51 22.48
C LYS D 122 -1.55 1.45 22.09
N GLU D 123 -0.55 1.22 22.94
CA GLU D 123 0.49 0.26 22.61
C GLU D 123 -0.03 -1.18 22.70
N VAL D 124 -0.93 -1.45 23.67
CA VAL D 124 -1.50 -2.79 23.78
C VAL D 124 -2.32 -3.12 22.53
N LYS D 125 -3.06 -2.14 22.01
CA LYS D 125 -3.79 -2.35 20.76
C LYS D 125 -2.84 -2.42 19.58
N ARG D 126 -1.79 -1.59 19.59
CA ARG D 126 -0.80 -1.61 18.51
C ARG D 126 -0.14 -2.97 18.41
N VAL D 127 0.16 -3.59 19.55
CA VAL D 127 0.77 -4.92 19.53
C VAL D 127 -0.28 -6.00 19.29
N GLY D 128 -1.52 -5.78 19.72
CA GLY D 128 -2.55 -6.79 19.61
C GLY D 128 -2.45 -7.85 20.69
N TYR D 129 -2.17 -7.45 21.92
CA TYR D 129 -1.97 -8.39 23.03
C TYR D 129 -3.32 -8.87 23.53
N GLY D 130 -3.64 -10.14 23.26
CA GLY D 130 -4.88 -10.70 23.77
C GLY D 130 -6.08 -9.95 23.25
N ASN D 131 -7.01 -9.61 24.15
CA ASN D 131 -8.17 -8.81 23.79
C ASN D 131 -7.87 -7.32 23.73
N ALA D 132 -6.66 -6.91 24.11
CA ALA D 132 -6.21 -5.52 24.00
C ALA D 132 -7.11 -4.56 24.77
N ASP D 133 -7.68 -5.01 25.87
CA ASP D 133 -8.61 -4.24 26.68
C ASP D 133 -8.02 -4.08 28.08
N ILE D 134 -7.56 -2.86 28.40
CA ILE D 134 -6.97 -2.60 29.71
C ILE D 134 -7.91 -1.83 30.63
N GLY D 135 -9.11 -1.50 30.17
CA GLY D 135 -10.08 -0.84 31.02
C GLY D 135 -9.65 0.56 31.41
N THR D 136 -9.97 0.93 32.66
CA THR D 136 -9.68 2.25 33.18
C THR D 136 -8.72 2.26 34.37
N GLN D 137 -8.48 1.11 35.01
CA GLN D 137 -7.54 1.01 36.12
C GLN D 137 -6.22 0.48 35.59
N VAL D 138 -5.19 1.36 35.56
CA VAL D 138 -3.91 1.01 34.96
C VAL D 138 -3.01 0.20 35.89
N ASP D 139 -3.49 -0.14 37.09
CA ASP D 139 -2.65 -0.83 38.07
C ASP D 139 -3.01 -2.30 38.27
N ASN D 140 -4.07 -2.81 37.62
CA ASN D 140 -4.50 -4.19 37.85
C ASN D 140 -5.21 -4.83 36.67
N PHE D 141 -5.17 -4.22 35.47
CA PHE D 141 -5.91 -4.78 34.35
C PHE D 141 -5.39 -6.13 33.90
N TRP D 142 -4.14 -6.45 34.23
CA TRP D 142 -3.56 -7.74 33.83
C TRP D 142 -3.74 -8.83 34.87
N LEU D 143 -4.06 -8.46 36.12
CA LEU D 143 -4.30 -9.44 37.17
C LEU D 143 -5.78 -9.81 37.27
N VAL D 144 -6.65 -8.80 37.25
CA VAL D 144 -8.09 -9.03 37.35
C VAL D 144 -8.89 -8.22 36.34
N GLY D 145 -8.34 -7.13 35.79
CA GLY D 145 -9.07 -6.28 34.88
C GLY D 145 -9.44 -6.96 33.57
N PRO D 146 -9.91 -6.17 32.61
CA PRO D 146 -10.48 -6.74 31.38
C PRO D 146 -9.45 -7.39 30.47
N LEU D 147 -8.16 -7.20 30.71
CA LEU D 147 -7.14 -7.74 29.81
C LEU D 147 -7.15 -9.26 29.88
N LYS D 148 -7.43 -9.90 28.76
CA LYS D 148 -7.40 -11.34 28.64
C LYS D 148 -6.58 -11.74 27.42
N ILE D 149 -5.89 -12.87 27.53
CA ILE D 149 -5.07 -13.38 26.44
C ILE D 149 -5.21 -14.90 26.41
N THR D 150 -5.13 -15.47 25.21
CA THR D 150 -5.19 -16.89 24.85
C THR D 150 -3.79 -17.51 24.98
N PRO D 151 -3.69 -18.71 25.57
CA PRO D 151 -2.38 -19.37 25.67
C PRO D 151 -1.69 -19.54 24.34
N GLN D 152 -2.44 -19.76 23.25
CA GLN D 152 -1.85 -19.77 21.92
C GLN D 152 -1.26 -18.41 21.58
N GLN D 153 -1.99 -17.33 21.90
CA GLN D 153 -1.46 -15.99 21.68
C GLN D 153 -0.24 -15.72 22.55
N GLU D 154 -0.15 -16.38 23.71
CA GLU D 154 1.01 -16.20 24.58
C GLU D 154 2.25 -16.82 23.98
N ALA D 155 2.13 -18.05 23.47
CA ALA D 155 3.26 -18.68 22.79
C ALA D 155 3.61 -17.94 21.51
N GLN D 156 2.60 -17.47 20.79
CA GLN D 156 2.85 -16.67 19.58
C GLN D 156 3.57 -15.37 19.92
N PHE D 157 3.22 -14.76 21.05
CA PHE D 157 3.91 -13.56 21.50
C PHE D 157 5.37 -13.87 21.84
N ALA D 158 5.61 -14.98 22.53
CA ALA D 158 6.98 -15.34 22.91
C ALA D 158 7.84 -15.61 21.67
N TYR D 159 7.27 -16.27 20.67
CA TYR D 159 8.01 -16.53 19.44
C TYR D 159 8.40 -15.22 18.76
N LYS D 160 7.53 -14.22 18.80
CA LYS D 160 7.82 -12.94 18.17
C LYS D 160 8.91 -12.19 18.93
N LEU D 161 8.85 -12.21 20.26
CA LEU D 161 9.90 -11.57 21.05
C LEU D 161 11.24 -12.28 20.89
N ALA D 162 11.22 -13.61 20.71
CA ALA D 162 12.47 -14.35 20.56
C ALA D 162 13.19 -13.94 19.28
N ASN D 163 12.45 -13.74 18.19
CA ASN D 163 13.03 -13.31 16.93
C ASN D 163 13.14 -11.80 16.81
N LYS D 164 12.79 -11.05 17.87
CA LYS D 164 12.81 -9.59 17.86
C LYS D 164 11.95 -9.04 16.73
N THR D 165 10.79 -9.67 16.52
CA THR D 165 9.85 -9.29 15.48
C THR D 165 8.69 -8.45 16.00
N LEU D 166 8.67 -8.18 17.31
CA LEU D 166 7.64 -7.32 17.86
C LEU D 166 7.81 -5.89 17.36
N PRO D 167 6.73 -5.10 17.33
CA PRO D 167 6.84 -3.72 16.82
C PRO D 167 7.57 -2.79 17.77
N PHE D 168 8.76 -3.19 18.22
CA PHE D 168 9.60 -2.38 19.08
C PHE D 168 11.03 -2.39 18.54
N SER D 169 11.82 -1.43 19.00
CA SER D 169 13.21 -1.34 18.57
C SER D 169 13.97 -2.60 18.94
N GLN D 170 14.96 -2.95 18.10
CA GLN D 170 15.74 -4.16 18.34
C GLN D 170 16.49 -4.08 19.67
N LYS D 171 16.97 -2.89 20.02
CA LYS D 171 17.66 -2.72 21.30
C LYS D 171 16.72 -3.04 22.46
N VAL D 172 15.50 -2.51 22.41
CA VAL D 172 14.55 -2.69 23.52
C VAL D 172 14.18 -4.16 23.67
N GLN D 173 13.97 -4.86 22.56
CA GLN D 173 13.58 -6.26 22.63
C GLN D 173 14.70 -7.11 23.22
N ASP D 174 15.95 -6.82 22.86
CA ASP D 174 17.07 -7.58 23.41
C ASP D 174 17.23 -7.36 24.91
N GLU D 175 16.87 -6.17 25.39
CA GLU D 175 16.99 -5.88 26.82
C GLU D 175 15.96 -6.67 27.62
N VAL D 176 14.72 -6.69 27.16
CA VAL D 176 13.70 -7.50 27.83
C VAL D 176 14.03 -8.98 27.70
N GLN D 177 14.65 -9.38 26.58
CA GLN D 177 15.10 -10.76 26.44
C GLN D 177 16.10 -11.12 27.53
N SER D 178 17.05 -10.22 27.80
CA SER D 178 18.04 -10.48 28.84
C SER D 178 17.41 -10.57 30.22
N MET D 179 16.32 -9.83 30.45
CA MET D 179 15.62 -9.92 31.72
C MET D 179 15.02 -11.30 31.94
N LEU D 180 14.70 -12.00 30.86
CA LEU D 180 13.93 -13.24 30.93
C LEU D 180 14.78 -14.49 30.87
N PHE D 181 16.10 -14.37 30.74
CA PHE D 181 16.95 -15.55 30.65
C PHE D 181 16.90 -16.32 31.97
N ILE D 182 16.64 -17.63 31.87
CA ILE D 182 16.53 -18.46 33.06
C ILE D 182 17.78 -19.30 33.22
N GLU D 183 17.98 -20.28 32.32
CA GLU D 183 19.10 -21.19 32.43
C GLU D 183 19.58 -21.56 31.03
N GLU D 184 20.70 -22.29 30.99
CA GLU D 184 21.24 -22.89 29.77
C GLU D 184 21.44 -24.37 30.05
N LYS D 185 20.45 -25.19 29.68
CA LYS D 185 20.46 -26.62 29.98
C LYS D 185 20.93 -27.38 28.74
N ASN D 186 22.14 -27.95 28.84
CA ASN D 186 22.71 -28.78 27.78
C ASN D 186 22.80 -28.03 26.45
N GLY D 187 23.26 -26.78 26.52
CA GLY D 187 23.42 -25.96 25.34
C GLY D 187 22.19 -25.19 24.92
N ASN D 188 21.04 -25.42 25.54
CA ASN D 188 19.81 -24.74 25.21
C ASN D 188 19.60 -23.58 26.18
N LYS D 189 19.58 -22.36 25.66
CA LYS D 189 19.26 -21.19 26.47
C LYS D 189 17.76 -21.12 26.68
N ILE D 190 17.35 -20.91 27.92
CA ILE D 190 15.94 -20.92 28.31
C ILE D 190 15.53 -19.53 28.76
N TYR D 191 14.45 -19.02 28.17
CA TYR D 191 13.84 -17.75 28.56
C TYR D 191 12.37 -18.00 28.84
N ALA D 192 11.87 -17.49 29.95
CA ALA D 192 10.46 -17.66 30.28
C ALA D 192 10.06 -16.71 31.38
N LYS D 193 8.75 -16.48 31.50
CA LYS D 193 8.18 -15.63 32.52
C LYS D 193 7.02 -16.37 33.17
N SER D 194 7.13 -16.60 34.48
CA SER D 194 6.05 -17.28 35.19
C SER D 194 4.92 -16.31 35.51
N GLY D 195 3.72 -16.86 35.67
CA GLY D 195 2.56 -16.06 36.00
C GLY D 195 1.64 -16.84 36.91
N TRP D 196 0.85 -16.08 37.70
CA TRP D 196 -0.06 -16.69 38.66
C TRP D 196 -1.06 -15.66 39.16
N GLY D 197 -2.24 -15.61 38.55
CA GLY D 197 -3.26 -14.67 38.96
C GLY D 197 -4.31 -15.28 39.86
N TRP D 198 -4.24 -15.02 41.17
CA TRP D 198 -5.21 -15.54 42.11
C TRP D 198 -6.40 -14.61 42.32
N ASP D 199 -6.35 -13.39 41.79
CA ASP D 199 -7.47 -12.46 41.91
C ASP D 199 -8.63 -12.82 40.99
N VAL D 200 -8.51 -13.90 40.21
CA VAL D 200 -9.58 -14.37 39.33
C VAL D 200 -9.95 -15.79 39.75
N ASN D 201 -11.25 -16.08 39.77
CA ASN D 201 -11.73 -17.41 40.08
C ASN D 201 -12.33 -18.04 38.83
N PRO D 202 -11.86 -19.22 38.37
CA PRO D 202 -10.75 -19.94 39.02
C PRO D 202 -9.37 -19.34 38.73
N GLN D 203 -8.43 -19.53 39.66
CA GLN D 203 -7.08 -19.00 39.48
C GLN D 203 -6.40 -19.66 38.28
N VAL D 204 -5.43 -18.94 37.71
CA VAL D 204 -4.73 -19.36 36.52
C VAL D 204 -3.23 -19.36 36.78
N GLY D 205 -2.54 -20.38 36.30
CA GLY D 205 -1.09 -20.48 36.39
C GLY D 205 -0.47 -20.38 35.02
N TRP D 206 0.63 -19.63 34.93
CA TRP D 206 1.24 -19.30 33.66
C TRP D 206 2.73 -19.63 33.68
N LEU D 207 3.26 -20.00 32.52
CA LEU D 207 4.71 -20.09 32.33
C LEU D 207 4.97 -20.01 30.82
N THR D 208 5.24 -18.80 30.35
CA THR D 208 5.42 -18.52 28.93
C THR D 208 6.87 -18.15 28.66
N GLY D 209 7.42 -18.71 27.59
CA GLY D 209 8.79 -18.40 27.19
C GLY D 209 9.22 -19.10 25.92
N TRP D 210 10.52 -19.37 25.79
CA TRP D 210 11.02 -20.03 24.60
C TRP D 210 12.42 -20.58 24.89
N VAL D 211 12.84 -21.52 24.06
CA VAL D 211 14.16 -22.15 24.15
C VAL D 211 14.93 -21.84 22.88
N VAL D 212 16.22 -21.56 23.03
CA VAL D 212 17.11 -21.29 21.91
C VAL D 212 18.09 -22.45 21.81
N GLN D 213 17.82 -23.35 20.86
CA GLN D 213 18.63 -24.54 20.67
C GLN D 213 20.02 -24.15 20.13
N PRO D 214 20.99 -25.07 20.20
CA PRO D 214 22.37 -24.68 19.83
C PRO D 214 22.51 -24.15 18.41
N GLN D 215 21.73 -24.65 17.47
CA GLN D 215 21.80 -24.18 16.09
C GLN D 215 21.05 -22.87 15.87
N GLY D 216 20.55 -22.25 16.93
CA GLY D 216 19.78 -21.03 16.81
C GLY D 216 18.29 -21.22 16.67
N ASN D 217 17.83 -22.45 16.47
CA ASN D 217 16.41 -22.73 16.38
C ASN D 217 15.70 -22.24 17.64
N ILE D 218 14.55 -21.59 17.44
CA ILE D 218 13.75 -21.03 18.53
C ILE D 218 12.48 -21.86 18.64
N VAL D 219 12.16 -22.29 19.87
CA VAL D 219 10.94 -23.02 20.15
C VAL D 219 10.25 -22.32 21.30
N ALA D 220 9.12 -21.68 21.01
CA ALA D 220 8.36 -20.96 22.03
C ALA D 220 7.33 -21.88 22.67
N PHE D 221 6.94 -21.53 23.90
CA PHE D 221 5.98 -22.33 24.64
C PHE D 221 5.22 -21.43 25.60
N SER D 222 4.07 -21.92 26.05
CA SER D 222 3.27 -21.22 27.06
C SER D 222 2.50 -22.27 27.85
N LEU D 223 2.83 -22.40 29.13
CA LEU D 223 2.14 -23.33 30.01
C LEU D 223 0.96 -22.63 30.68
N ASN D 224 -0.21 -23.27 30.64
CA ASN D 224 -1.42 -22.73 31.24
C ASN D 224 -2.09 -23.81 32.07
N LEU D 225 -2.33 -23.52 33.35
CA LEU D 225 -2.89 -24.48 34.27
C LEU D 225 -3.96 -23.81 35.11
N GLU D 226 -4.84 -24.63 35.67
CA GLU D 226 -5.84 -24.20 36.64
C GLU D 226 -5.22 -24.31 38.03
N MET D 227 -4.99 -23.17 38.67
CA MET D 227 -4.29 -23.12 39.95
C MET D 227 -5.25 -23.55 41.07
N LYS D 228 -5.19 -24.83 41.41
CA LYS D 228 -6.01 -25.38 42.50
C LYS D 228 -5.37 -25.07 43.84
N LYS D 229 -6.18 -25.14 44.89
CA LYS D 229 -5.70 -24.87 46.23
C LYS D 229 -4.68 -25.91 46.67
N GLY D 230 -3.61 -25.45 47.30
CA GLY D 230 -2.56 -26.33 47.79
C GLY D 230 -1.56 -26.78 46.76
N ILE D 231 -1.77 -26.49 45.48
CA ILE D 231 -0.81 -26.89 44.45
C ILE D 231 0.49 -26.11 44.65
N PRO D 232 1.65 -26.75 44.63
CA PRO D 232 2.89 -26.02 44.82
C PRO D 232 3.21 -25.13 43.63
N SER D 233 3.86 -24.00 43.90
CA SER D 233 4.26 -23.11 42.82
C SER D 233 5.27 -23.75 41.88
N SER D 234 5.91 -24.84 42.32
CA SER D 234 6.88 -25.55 41.48
C SER D 234 6.22 -26.25 40.30
N VAL D 235 4.91 -26.52 40.37
CA VAL D 235 4.23 -27.29 39.34
C VAL D 235 4.43 -26.67 37.96
N ARG D 236 4.57 -25.34 37.90
CA ARG D 236 4.75 -24.67 36.62
C ARG D 236 6.03 -25.15 35.94
N LYS D 237 7.16 -25.02 36.61
CA LYS D 237 8.44 -25.40 36.01
C LYS D 237 8.52 -26.90 35.79
N GLU D 238 7.93 -27.69 36.70
CA GLU D 238 8.01 -29.15 36.59
C GLU D 238 7.35 -29.64 35.31
N ILE D 239 6.04 -29.35 35.16
CA ILE D 239 5.31 -29.85 33.99
C ILE D 239 5.95 -29.34 32.70
N THR D 240 6.44 -28.10 32.72
CA THR D 240 7.05 -27.52 31.53
C THR D 240 8.37 -28.22 31.18
N TYR D 241 9.31 -28.25 32.13
CA TYR D 241 10.62 -28.85 31.86
C TYR D 241 10.47 -30.30 31.42
N LYS D 242 9.65 -31.08 32.12
CA LYS D 242 9.51 -32.49 31.77
C LYS D 242 8.90 -32.66 30.38
N SER D 243 7.92 -31.81 30.03
CA SER D 243 7.30 -31.90 28.71
C SER D 243 8.32 -31.64 27.61
N LEU D 244 9.09 -30.56 27.74
CA LEU D 244 10.04 -30.20 26.69
C LEU D 244 11.11 -31.29 26.52
N GLU D 245 11.46 -31.98 27.61
CA GLU D 245 12.39 -33.10 27.49
C GLU D 245 11.75 -34.25 26.71
N GLN D 246 10.49 -34.56 27.03
CA GLN D 246 9.78 -35.62 26.30
C GLN D 246 9.51 -35.26 24.85
N LEU D 247 9.46 -33.97 24.52
CA LEU D 247 9.29 -33.51 23.15
C LEU D 247 10.62 -33.43 22.40
N GLY D 248 11.72 -33.85 23.03
CA GLY D 248 13.02 -33.83 22.38
C GLY D 248 13.66 -32.48 22.25
N ILE D 249 12.97 -31.39 22.64
CA ILE D 249 13.56 -30.07 22.52
C ILE D 249 14.47 -29.76 23.72
N LEU D 250 14.35 -30.51 24.81
CA LEU D 250 15.26 -30.37 25.94
C LEU D 250 15.98 -31.68 26.20
CAA 4J6 E . -24.01 5.85 13.00
CAB 4J6 E . -26.77 8.04 11.76
NAC 4J6 E . -32.17 3.61 4.31
OAD 4J6 E . -23.78 9.14 9.51
OAE 4J6 E . -27.34 7.24 6.20
OAF 4J6 E . -30.93 1.81 5.50
OAG 4J6 E . -30.37 2.24 3.27
OAH 4J6 E . -27.18 9.21 7.18
OAI 4J6 E . -22.93 5.25 10.93
CAJ 4J6 E . -23.43 8.03 9.87
CAK 4J6 E . -28.98 4.83 8.70
CAL 4J6 E . -30.23 5.07 5.61
CAM 4J6 E . -30.84 6.07 7.81
NAN 4J6 E . -25.48 6.97 8.85
NAO 4J6 E . -29.67 3.96 7.73
NAP 4J6 E . -29.64 3.88 5.00
SAQ 4J6 E . -29.16 7.46 9.44
CAR 4J6 E . -27.08 7.99 7.27
CAS 4J6 E . -26.69 7.40 8.53
CAT 4J6 E . -23.33 6.37 11.74
CAU 4J6 E . -26.77 6.87 10.80
CAV 4J6 E . -30.68 4.78 7.03
CAW 4J6 E . -29.97 5.93 9.04
CAX 4J6 E . -24.24 7.30 10.94
CAY 4J6 E . -25.38 6.57 10.24
CAZ 4J6 E . -27.51 7.25 9.56
SBA 4J6 E . -30.77 2.85 4.51
CAA 4J6 F . 17.36 -14.54 -17.01
CAB 4J6 F . 18.28 -17.94 -16.39
NAC 4J6 F . 17.68 -25.74 -16.58
OAD 4J6 F . 18.25 -15.70 -12.81
OAE 4J6 F . 15.93 -21.35 -12.92
OAF 4J6 F . 17.92 -26.49 -14.22
OAG 4J6 F . 17.78 -24.19 -14.63
OAH 4J6 F . 17.75 -20.26 -12.30
OAI 4J6 F . 15.18 -15.05 -16.19
CAJ 4J6 F . 17.22 -15.57 -13.45
CAK 4J6 F . 14.28 -21.38 -15.77
CAL 4J6 F . 15.15 -24.19 -14.70
CAM 4J6 F . 15.57 -23.09 -16.92
NAN 4J6 F . 16.23 -18.01 -13.84
NAO 4J6 F . 13.55 -22.66 -15.71
NAP 4J6 F . 15.70 -25.55 -14.85
SAQ 4J6 F . 16.96 -21.00 -16.01
CAR 4J6 F . 16.78 -20.32 -13.05
CAS 4J6 F . 16.58 -19.28 -14.06
CAT 4J6 F . 16.52 -14.77 -15.76
CAU 4J6 F . 16.81 -18.20 -16.09
CAV 4J6 F . 14.52 -23.72 -16.01
CAW 4J6 F . 15.46 -21.59 -16.71
CAX 4J6 F . 17.09 -15.94 -14.92
CAY 4J6 F . 16.27 -17.22 -15.06
CAZ 4J6 F . 16.77 -19.48 -15.34
SBA 4J6 F . 17.30 -25.48 -15.04
C BCT G . 17.82 -10.84 -20.52
O1 BCT G . 17.23 -9.76 -20.54
O2 BCT G . 18.89 -11.20 -20.07
O3 BCT G . 17.12 -11.91 -21.16
CAA 4J6 H . 8.76 21.45 -36.41
CAB 4J6 H . 5.73 22.93 -37.87
NAC 4J6 H . -0.81 27.59 -34.33
OAD 4J6 H . 4.82 20.35 -34.75
OAE 4J6 H . 2.05 24.76 -34.10
OAF 4J6 H . -0.76 30.07 -34.13
OAG 4J6 H . -0.19 28.81 -32.23
OAH 4J6 H . 1.70 23.78 -36.04
OAI 4J6 H . 8.57 22.86 -34.46
CAJ 4J6 H . 5.64 21.20 -34.42
CAK 4J6 H . 4.55 27.50 -35.85
CAL 4J6 H . 1.57 28.33 -35.45
CAM 4J6 H . 2.95 28.22 -37.52
NAN 4J6 H . 4.84 23.59 -34.73
NAO 4J6 H . 3.97 28.78 -35.43
NAP 4J6 H . 1.45 28.92 -34.11
SAQ 4J6 H . 3.73 25.65 -37.68
CAR 4J6 H . 2.50 24.22 -35.23
CAS 4J6 H . 3.93 24.14 -35.51
CAT 4J6 H . 7.98 21.73 -35.13
CAU 4J6 H . 5.85 24.01 -36.80
CAV 4J6 H . 2.73 28.96 -36.21
CAW 4J6 H . 4.15 27.32 -37.32
CAX 4J6 H . 6.49 21.95 -35.42
CAY 4J6 H . 6.10 23.43 -35.41
CAZ 4J6 H . 4.49 24.60 -36.63
SBA 4J6 H . -0.10 28.88 -33.67
CAA 4J6 I . 1.46 -10.44 40.90
CAB 4J6 I . 2.94 -13.80 42.85
NAC 4J6 I . 12.33 -17.31 41.54
OAD 4J6 I . 2.02 -14.43 39.15
OAE 4J6 I . 6.79 -16.45 39.52
OAF 4J6 I . 11.97 -16.01 43.63
OAG 4J6 I . 13.01 -14.92 41.85
OAH 4J6 I . 4.76 -17.28 39.43
OAI 4J6 I . 3.87 -10.44 40.65
CAJ 4J6 I . 2.17 -13.23 39.13
CAK 4J6 I . 7.30 -14.82 43.44
CAL 4J6 I . 9.58 -16.47 41.77
CAM 4J6 I . 7.63 -17.18 43.12
NAN 4J6 I . 4.55 -14.08 39.77
NAO 4J6 I . 8.74 -15.09 43.63
NAP 4J6 I . 10.57 -15.38 41.64
SAQ 4J6 I . 5.06 -16.29 42.81
CAR 4J6 I . 5.50 -16.36 39.76
CAS 4J6 I . 4.94 -15.18 40.41
CAT 4J6 I . 2.67 -11.03 40.17
CAU 4J6 I . 4.24 -13.69 42.07
CAV 4J6 I . 8.98 -16.48 43.17
CAW 4J6 I . 6.62 -16.17 43.65
CAX 4J6 I . 2.69 -12.53 40.37
CAY 4J6 I . 4.10 -13.04 40.69
CAZ 4J6 I . 4.77 -15.05 41.72
SBA 4J6 I . 12.00 -15.88 42.20
C BCT J . -3.36 -19.38 46.37
O1 BCT J . -2.48 -18.87 47.05
O2 BCT J . -3.65 -20.53 46.08
O3 BCT J . -4.14 -18.44 45.62
#